data_7VCN
#
_entry.id   7VCN
#
_cell.length_a   61.815
_cell.length_b   70.288
_cell.length_c   82.710
_cell.angle_alpha   79.883
_cell.angle_beta   86.895
_cell.angle_gamma   87.186
#
_symmetry.space_group_name_H-M   'P 1'
#
loop_
_entity.id
_entity.type
_entity.pdbx_description
1 polymer 'von Willebrand factor type A domain protein'
2 polymer 'von Willebrand factor type A domain protein'
3 non-polymer Tb-Xo4
4 non-polymer 'TERBIUM(III) ION'
5 water water
#
loop_
_entity_poly.entity_id
_entity_poly.type
_entity_poly.pdbx_seq_one_letter_code
_entity_poly.pdbx_strand_id
1 'polypeptide(L)' EPQTTLHKTITPISGQDDKYELSLDITSKL C,D
2 'polypeptide(L)'
;GIHHVSIKDVLSKYVQLLPNGSSEFRVVKEKDGSSEILTENQVTFDTKTTSEGLVEVTAKFSPNYSLEDGARYVLKFTVT
SSQEALDAIAGDKKLEAGDAEGSDVNKLYSNKGASVTYSYGIGNSQTKTKEYSDNPTFKPSDPLTVPVEVEWQGVTGART
VITADQPSNVELKLVQKNKNGGSDNQDYRKTNVNVSKNVSNETRNFEKVAKGYQYDLIAPDVPAFTKEIKNVGTESNPSF
KVIYKQLPSLTIKKVLEAENNLNKEFRIKVKLTSPDSKPLNGTFGEITVVNGEAEIRVEKRKRWRGILSYLPRGTHYKVE
EEAASTNGYHVTYENQEGDLNKDETSTVTNHKLPSLSVTKKVTGVFANLLKSFKITINIRDAQNSPLNGTYTATVNNKRT
PLQFTNGRASIDLNKDQTIKIDGLPLDSHYTVEEETNSSRGYQVSYENQEGKLDGDKSATVTNNKNSVPET
;
A,B
#
# COMPACT_ATOMS: atom_id res chain seq x y z
N GLU A 1 -18.09 69.04 -3.70
CA GLU A 1 -17.62 67.61 -3.75
C GLU A 1 -18.78 66.67 -4.02
N PRO A 2 -18.64 65.73 -4.99
CA PRO A 2 -19.54 64.59 -5.12
C PRO A 2 -19.58 63.70 -3.88
N GLN A 3 -20.70 63.00 -3.73
CA GLN A 3 -20.88 62.07 -2.64
C GLN A 3 -20.21 60.76 -3.03
N THR A 4 -19.51 60.14 -2.07
CA THR A 4 -18.94 58.84 -2.31
C THR A 4 -19.47 57.87 -1.26
N THR A 5 -19.73 56.63 -1.68
CA THR A 5 -20.03 55.60 -0.70
C THR A 5 -19.01 54.48 -0.85
N LEU A 6 -18.75 53.77 0.25
CA LEU A 6 -17.64 52.84 0.36
C LEU A 6 -18.16 51.60 1.05
N HIS A 7 -17.89 50.42 0.49
CA HIS A 7 -18.32 49.17 1.15
C HIS A 7 -17.21 48.16 0.95
N LYS A 8 -16.81 47.50 2.04
CA LYS A 8 -15.86 46.40 2.10
C LYS A 8 -16.53 45.15 2.68
N THR A 9 -16.50 44.00 1.96
CA THR A 9 -16.96 42.70 2.51
C THR A 9 -15.86 41.65 2.32
N ILE A 10 -15.92 40.52 3.03
CA ILE A 10 -15.11 39.34 2.71
C ILE A 10 -16.06 38.17 2.47
N THR A 11 -15.78 37.27 1.53
CA THR A 11 -16.71 36.16 1.31
C THR A 11 -15.93 34.85 1.28
N PRO A 12 -16.28 33.79 2.06
CA PRO A 12 -15.64 32.48 1.89
C PRO A 12 -15.80 32.04 0.43
N ILE A 13 -14.72 31.51 -0.17
CA ILE A 13 -14.82 31.03 -1.54
C ILE A 13 -15.35 29.62 -1.50
N SER A 14 -16.56 29.46 -2.04
CA SER A 14 -17.30 28.20 -1.99
C SER A 14 -16.42 27.02 -2.35
N GLY A 15 -16.44 26.01 -1.48
CA GLY A 15 -15.87 24.70 -1.78
C GLY A 15 -14.36 24.64 -1.57
N GLN A 16 -13.75 25.71 -1.08
CA GLN A 16 -12.31 25.79 -0.86
C GLN A 16 -12.02 26.11 0.60
N ASP A 17 -11.07 25.39 1.18
CA ASP A 17 -10.67 25.54 2.58
C ASP A 17 -9.74 26.73 2.66
N ASP A 18 -10.00 27.67 3.54
CA ASP A 18 -9.11 28.79 3.86
C ASP A 18 -8.94 29.81 2.73
N LYS A 19 -9.88 29.93 1.76
CA LYS A 19 -9.74 30.99 0.79
C LYS A 19 -10.95 31.93 0.88
N TYR A 20 -10.73 33.25 0.73
CA TYR A 20 -11.78 34.25 0.91
C TYR A 20 -11.55 35.35 -0.11
N GLU A 21 -12.64 35.94 -0.60
CA GLU A 21 -12.52 37.01 -1.57
C GLU A 21 -12.78 38.32 -0.86
N LEU A 22 -11.84 39.28 -0.94
CA LEU A 22 -12.08 40.59 -0.37
C LEU A 22 -12.71 41.47 -1.43
N SER A 23 -13.57 42.38 -1.00
CA SER A 23 -14.20 43.24 -1.98
C SER A 23 -14.26 44.65 -1.42
N LEU A 24 -13.49 45.58 -1.98
CA LEU A 24 -13.52 46.98 -1.50
C LEU A 24 -14.07 47.86 -2.64
N ASP A 25 -15.18 48.58 -2.39
CA ASP A 25 -15.74 49.34 -3.49
C ASP A 25 -15.77 50.83 -3.19
N ILE A 26 -16.02 51.62 -4.23
CA ILE A 26 -16.25 53.06 -4.16
C ILE A 26 -17.30 53.37 -5.25
N THR A 27 -18.25 54.26 -4.94
CA THR A 27 -19.21 54.75 -5.92
C THR A 27 -19.25 56.25 -5.80
N SER A 28 -19.16 56.96 -6.94
CA SER A 28 -19.30 58.41 -6.85
C SER A 28 -20.64 58.85 -7.43
N LYS A 29 -21.28 59.87 -6.82
CA LYS A 29 -22.61 60.37 -7.17
C LYS A 29 -22.63 61.88 -7.28
N LEU A 30 -23.39 62.42 -8.25
CA LEU A 30 -23.57 63.86 -8.44
C LEU A 30 -24.98 64.26 -7.98
N GLY B 1 -16.09 64.64 -12.16
CA GLY B 1 -15.78 63.28 -11.65
C GLY B 1 -14.73 63.32 -10.54
N ILE B 2 -14.57 62.22 -9.78
CA ILE B 2 -13.41 62.17 -8.89
C ILE B 2 -12.24 61.53 -9.66
N HIS B 3 -11.01 61.95 -9.32
CA HIS B 3 -9.84 61.41 -10.01
C HIS B 3 -8.70 61.16 -9.00
N HIS B 4 -7.55 60.74 -9.55
CA HIS B 4 -6.38 60.39 -8.75
C HIS B 4 -6.82 59.36 -7.70
N VAL B 5 -7.60 58.38 -8.13
CA VAL B 5 -8.29 57.55 -7.16
C VAL B 5 -7.36 56.42 -6.73
N SER B 6 -7.41 56.03 -5.46
CA SER B 6 -6.67 54.84 -5.16
C SER B 6 -7.36 54.15 -3.97
N ILE B 7 -7.33 52.80 -3.93
CA ILE B 7 -8.03 52.05 -2.90
C ILE B 7 -6.97 51.24 -2.19
N LYS B 8 -7.03 51.16 -0.86
CA LYS B 8 -5.94 50.72 0.01
C LYS B 8 -6.54 49.75 1.04
N ASP B 9 -5.93 48.57 1.19
CA ASP B 9 -6.27 47.68 2.31
C ASP B 9 -4.99 47.19 2.98
N VAL B 10 -4.95 47.28 4.31
CA VAL B 10 -3.85 46.68 5.06
C VAL B 10 -4.34 45.31 5.60
N LEU B 11 -3.77 44.20 5.14
CA LEU B 11 -4.19 42.88 5.61
C LEU B 11 -3.65 42.69 7.03
N SER B 12 -4.47 42.15 7.93
CA SER B 12 -4.05 41.76 9.26
C SER B 12 -3.15 40.51 9.17
N LYS B 13 -2.49 40.14 10.27
CA LYS B 13 -1.52 39.06 10.18
C LYS B 13 -2.21 37.70 10.03
N TYR B 14 -3.55 37.68 10.08
CA TYR B 14 -4.31 36.45 9.98
C TYR B 14 -4.62 36.04 8.54
N VAL B 15 -4.36 36.91 7.55
CA VAL B 15 -4.50 36.45 6.16
C VAL B 15 -3.26 36.86 5.40
N GLN B 16 -3.19 36.42 4.14
CA GLN B 16 -2.10 36.71 3.24
C GLN B 16 -2.51 36.40 1.79
N LEU B 17 -1.74 36.95 0.84
CA LEU B 17 -2.02 36.88 -0.58
C LEU B 17 -1.64 35.49 -1.01
N LEU B 18 -1.98 35.11 -2.24
CA LEU B 18 -1.64 33.81 -2.76
C LEU B 18 -0.31 33.92 -3.49
N PRO B 19 0.46 32.81 -3.69
CA PRO B 19 1.71 32.87 -4.50
C PRO B 19 1.47 33.40 -5.92
N ASN B 20 2.45 34.12 -6.49
CA ASN B 20 2.46 34.52 -7.90
C ASN B 20 1.26 35.39 -8.29
N GLY B 21 0.76 36.27 -7.40
CA GLY B 21 -0.53 36.93 -7.55
C GLY B 21 -1.56 36.05 -8.27
N SER B 22 -1.70 34.76 -7.82
CA SER B 22 -2.90 33.94 -7.98
C SER B 22 -4.09 34.66 -7.35
N SER B 23 -3.81 35.62 -6.42
CA SER B 23 -4.73 36.53 -5.76
C SER B 23 -5.64 37.29 -6.74
N GLU B 24 -5.16 37.48 -8.00
CA GLU B 24 -5.85 37.90 -9.21
C GLU B 24 -6.40 39.30 -8.99
N PHE B 25 -5.58 40.27 -8.58
CA PHE B 25 -6.18 41.55 -8.30
C PHE B 25 -6.90 42.01 -9.56
N ARG B 26 -8.11 42.56 -9.38
CA ARG B 26 -8.78 43.24 -10.48
C ARG B 26 -9.68 44.30 -9.88
N VAL B 27 -9.99 45.34 -10.66
CA VAL B 27 -11.04 46.28 -10.31
C VAL B 27 -12.14 46.18 -11.37
N VAL B 28 -13.40 46.02 -10.93
CA VAL B 28 -14.51 45.84 -11.84
C VAL B 28 -15.35 47.11 -11.76
N LYS B 29 -15.70 47.67 -12.92
CA LYS B 29 -16.69 48.76 -13.01
C LYS B 29 -18.07 48.15 -13.26
N GLU B 30 -19.02 48.37 -12.34
CA GLU B 30 -20.39 47.86 -12.43
C GLU B 30 -21.36 49.01 -12.63
N LYS B 31 -22.14 48.93 -13.73
CA LYS B 31 -23.05 50.00 -14.11
C LYS B 31 -24.09 49.39 -15.03
N ASP B 32 -25.38 49.52 -14.65
CA ASP B 32 -26.54 49.10 -15.45
C ASP B 32 -26.44 47.62 -15.80
N GLY B 33 -26.15 46.78 -14.79
CA GLY B 33 -26.19 45.35 -15.01
C GLY B 33 -24.87 44.77 -15.50
N SER B 34 -24.15 45.54 -16.32
CA SER B 34 -22.94 45.13 -17.03
C SER B 34 -21.69 45.31 -16.16
N SER B 35 -20.72 44.38 -16.28
CA SER B 35 -19.47 44.36 -15.52
C SER B 35 -18.27 44.41 -16.44
N GLU B 36 -17.33 45.30 -16.15
CA GLU B 36 -16.21 45.52 -17.05
C GLU B 36 -14.95 45.63 -16.20
N ILE B 37 -13.84 45.06 -16.68
CA ILE B 37 -12.58 44.93 -15.94
C ILE B 37 -11.66 46.04 -16.44
N LEU B 38 -11.17 46.84 -15.48
CA LEU B 38 -10.23 47.87 -15.81
C LEU B 38 -8.92 47.23 -16.28
N THR B 39 -8.29 47.86 -17.28
CA THR B 39 -7.11 47.35 -17.96
C THR B 39 -5.85 47.82 -17.21
N GLU B 40 -4.69 47.30 -17.64
CA GLU B 40 -3.39 47.74 -17.15
C GLU B 40 -3.25 49.26 -17.24
N ASN B 41 -3.89 49.88 -18.24
CA ASN B 41 -3.72 51.32 -18.43
C ASN B 41 -4.67 52.09 -17.54
N GLN B 42 -5.56 51.40 -16.82
CA GLN B 42 -6.53 52.15 -16.02
C GLN B 42 -6.26 51.99 -14.52
N VAL B 43 -5.59 50.89 -14.17
CA VAL B 43 -5.28 50.67 -12.78
C VAL B 43 -4.03 49.80 -12.70
N THR B 44 -3.24 50.02 -11.62
CA THR B 44 -2.00 49.35 -11.31
C THR B 44 -2.10 48.85 -9.86
N PHE B 45 -1.47 47.72 -9.55
CA PHE B 45 -1.54 47.15 -8.21
C PHE B 45 -0.19 47.18 -7.53
N ASP B 46 -0.14 47.63 -6.27
CA ASP B 46 1.12 47.61 -5.53
C ASP B 46 0.92 46.83 -4.23
N THR B 47 1.82 45.89 -3.89
CA THR B 47 1.94 45.31 -2.58
C THR B 47 3.15 45.97 -1.89
N LYS B 48 3.05 46.37 -0.62
CA LYS B 48 4.17 46.95 0.14
C LYS B 48 4.11 46.37 1.54
N THR B 49 5.20 46.42 2.31
CA THR B 49 5.17 46.10 3.75
C THR B 49 5.18 47.40 4.53
N THR B 50 4.20 47.64 5.42
CA THR B 50 4.21 48.78 6.33
C THR B 50 5.38 48.68 7.32
N SER B 51 5.62 49.74 8.10
CA SER B 51 6.64 49.68 9.15
C SER B 51 6.37 48.58 10.19
N GLU B 52 5.08 48.25 10.46
CA GLU B 52 4.70 47.25 11.44
C GLU B 52 4.76 45.84 10.85
N GLY B 53 5.25 45.71 9.60
CA GLY B 53 5.40 44.42 8.96
C GLY B 53 4.08 43.81 8.47
N LEU B 54 3.02 44.63 8.30
CA LEU B 54 1.79 44.17 7.70
C LEU B 54 1.81 44.49 6.21
N VAL B 55 1.10 43.64 5.44
CA VAL B 55 1.03 43.77 3.99
C VAL B 55 -0.03 44.79 3.59
N GLU B 56 0.31 45.79 2.80
CA GLU B 56 -0.69 46.74 2.31
C GLU B 56 -0.82 46.55 0.81
N VAL B 57 -2.06 46.62 0.32
CA VAL B 57 -2.41 46.40 -1.09
C VAL B 57 -3.07 47.68 -1.60
N THR B 58 -2.58 48.21 -2.71
CA THR B 58 -3.14 49.46 -3.25
C THR B 58 -3.51 49.25 -4.70
N ALA B 59 -4.72 49.65 -5.08
CA ALA B 59 -5.07 49.72 -6.49
C ALA B 59 -5.01 51.20 -6.83
N LYS B 60 -3.98 51.58 -7.61
CA LYS B 60 -3.85 52.96 -8.01
C LYS B 60 -4.46 53.10 -9.42
N PHE B 61 -5.57 53.83 -9.51
CA PHE B 61 -6.15 54.17 -10.80
C PHE B 61 -5.17 55.12 -11.49
N SER B 62 -4.95 54.85 -12.78
CA SER B 62 -4.42 55.85 -13.69
C SER B 62 -4.87 57.25 -13.28
N PRO B 63 -3.91 58.17 -13.04
CA PRO B 63 -4.22 59.41 -12.32
C PRO B 63 -5.35 60.24 -12.94
N ASN B 64 -5.43 60.27 -14.28
CA ASN B 64 -6.49 61.04 -14.94
C ASN B 64 -7.70 60.23 -15.36
N TYR B 65 -7.80 58.98 -14.90
CA TYR B 65 -9.04 58.23 -14.90
C TYR B 65 -10.06 58.87 -13.96
N SER B 66 -11.23 59.29 -14.49
CA SER B 66 -12.30 59.87 -13.67
C SER B 66 -13.39 58.82 -13.47
N LEU B 67 -13.86 58.66 -12.23
CA LEU B 67 -14.89 57.65 -11.99
C LEU B 67 -16.19 58.10 -12.65
N GLU B 68 -16.77 57.22 -13.47
CA GLU B 68 -18.04 57.47 -14.11
C GLU B 68 -19.11 57.56 -13.02
N ASP B 69 -19.97 58.57 -13.17
CA ASP B 69 -21.00 58.90 -12.20
C ASP B 69 -21.98 57.73 -12.02
N GLY B 70 -22.22 57.33 -10.77
CA GLY B 70 -23.17 56.28 -10.48
C GLY B 70 -22.61 54.88 -10.68
N ALA B 71 -21.38 54.75 -11.17
CA ALA B 71 -20.81 53.43 -11.37
C ALA B 71 -20.14 52.98 -10.08
N ARG B 72 -20.24 51.67 -9.81
CA ARG B 72 -19.60 51.04 -8.66
C ARG B 72 -18.29 50.41 -9.11
N TYR B 73 -17.17 50.91 -8.58
CA TYR B 73 -15.85 50.33 -8.82
C TYR B 73 -15.50 49.47 -7.62
N VAL B 74 -15.12 48.21 -7.86
CA VAL B 74 -14.91 47.27 -6.78
C VAL B 74 -13.58 46.53 -6.99
N LEU B 75 -12.64 46.78 -6.06
CA LEU B 75 -11.38 46.05 -6.03
C LEU B 75 -11.68 44.65 -5.46
N LYS B 76 -11.15 43.60 -6.08
CA LYS B 76 -11.42 42.28 -5.57
C LYS B 76 -10.13 41.49 -5.64
N PHE B 77 -9.84 40.70 -4.63
CA PHE B 77 -8.69 39.79 -4.67
C PHE B 77 -8.87 38.73 -3.59
N THR B 78 -8.19 37.60 -3.76
CA THR B 78 -8.38 36.50 -2.80
C THR B 78 -7.27 36.59 -1.74
N VAL B 79 -7.63 36.35 -0.48
CA VAL B 79 -6.61 36.02 0.51
C VAL B 79 -6.80 34.61 1.04
N THR B 80 -5.74 34.07 1.67
CA THR B 80 -5.84 32.79 2.34
C THR B 80 -5.50 32.96 3.82
N SER B 81 -6.02 32.09 4.69
CA SER B 81 -5.62 32.04 6.10
C SER B 81 -4.11 31.93 6.22
N SER B 82 -3.48 32.79 7.03
CA SER B 82 -2.04 32.66 7.33
C SER B 82 -1.85 31.54 8.36
N GLN B 83 -0.59 31.15 8.62
CA GLN B 83 -0.24 30.24 9.70
C GLN B 83 -0.74 30.71 11.06
N GLU B 84 -0.75 32.01 11.30
CA GLU B 84 -1.25 32.60 12.53
C GLU B 84 -2.71 32.18 12.76
N ALA B 85 -3.48 32.11 11.68
CA ALA B 85 -4.90 31.88 11.88
C ALA B 85 -5.14 30.37 12.06
N LEU B 86 -4.37 29.58 11.31
CA LEU B 86 -4.46 28.13 11.37
C LEU B 86 -4.06 27.68 12.79
N ASP B 87 -3.05 28.37 13.38
CA ASP B 87 -2.62 28.03 14.73
C ASP B 87 -3.70 28.49 15.70
N ALA B 88 -4.21 29.71 15.52
CA ALA B 88 -5.20 30.29 16.43
C ALA B 88 -6.43 29.41 16.57
N ILE B 89 -6.97 28.90 15.45
CA ILE B 89 -8.15 28.06 15.47
C ILE B 89 -7.87 26.68 16.08
N ALA B 90 -6.65 26.16 15.90
CA ALA B 90 -6.20 24.93 16.53
C ALA B 90 -6.07 25.12 18.03
N GLY B 91 -6.04 26.36 18.50
CA GLY B 91 -5.94 26.61 19.92
C GLY B 91 -4.51 26.89 20.35
N ASP B 92 -3.58 27.07 19.41
CA ASP B 92 -2.16 27.16 19.75
C ASP B 92 -1.68 28.59 19.94
N LYS B 93 -2.48 29.60 19.57
CA LYS B 93 -2.16 30.99 19.85
C LYS B 93 -3.35 31.67 20.51
N LYS B 94 -3.04 32.54 21.49
CA LYS B 94 -4.01 33.38 22.17
C LYS B 94 -4.25 34.60 21.28
N LEU B 95 -5.48 35.10 21.24
CA LEU B 95 -5.74 36.38 20.60
C LEU B 95 -5.41 37.52 21.56
N GLU B 96 -4.90 38.64 21.04
CA GLU B 96 -4.80 39.87 21.81
C GLU B 96 -5.99 40.75 21.39
N ALA B 97 -6.21 41.84 22.14
CA ALA B 97 -7.28 42.81 21.87
C ALA B 97 -7.10 43.28 20.44
N GLY B 98 -8.22 43.42 19.71
CA GLY B 98 -8.10 43.98 18.39
C GLY B 98 -7.93 42.94 17.30
N ASP B 99 -7.80 41.67 17.67
CA ASP B 99 -7.55 40.56 16.77
C ASP B 99 -8.84 40.09 16.09
N ALA B 100 -9.88 39.85 16.88
CA ALA B 100 -11.10 39.30 16.35
C ALA B 100 -12.30 39.93 17.05
N GLU B 101 -13.46 39.90 16.39
CA GLU B 101 -14.62 40.54 16.98
C GLU B 101 -15.05 39.81 18.26
N GLY B 102 -14.91 40.51 19.39
CA GLY B 102 -15.19 39.93 20.69
C GLY B 102 -14.31 38.72 21.02
N SER B 103 -13.06 38.75 20.56
CA SER B 103 -12.07 37.72 20.76
C SER B 103 -12.57 36.34 20.39
N ASP B 104 -13.50 36.26 19.45
CA ASP B 104 -13.94 35.00 18.91
C ASP B 104 -13.02 34.60 17.72
N VAL B 105 -12.38 33.43 17.84
CA VAL B 105 -11.44 32.96 16.84
C VAL B 105 -12.19 32.66 15.54
N ASN B 106 -13.51 32.55 15.62
CA ASN B 106 -14.29 32.36 14.41
C ASN B 106 -14.60 33.67 13.72
N LYS B 107 -14.24 34.81 14.32
CA LYS B 107 -14.45 36.09 13.68
C LYS B 107 -13.15 36.92 13.73
N LEU B 108 -12.08 36.40 13.09
CA LEU B 108 -10.85 37.16 12.90
C LEU B 108 -11.10 38.31 11.91
N TYR B 109 -10.57 39.49 12.24
CA TYR B 109 -10.58 40.58 11.32
C TYR B 109 -9.54 40.37 10.22
N SER B 110 -9.95 40.63 8.97
CA SER B 110 -9.08 40.46 7.81
C SER B 110 -8.24 41.70 7.59
N ASN B 111 -8.68 42.87 8.09
CA ASN B 111 -8.04 44.14 7.76
C ASN B 111 -7.47 44.84 9.00
N LYS B 112 -6.36 45.56 8.88
CA LYS B 112 -5.99 46.52 9.91
C LYS B 112 -6.14 47.93 9.33
N GLY B 113 -7.36 48.29 8.92
CA GLY B 113 -7.62 49.55 8.26
C GLY B 113 -7.68 49.39 6.75
N ALA B 114 -8.61 50.12 6.13
CA ALA B 114 -8.73 50.19 4.67
C ALA B 114 -9.28 51.57 4.32
N SER B 115 -8.91 52.13 3.16
CA SER B 115 -9.39 53.49 2.83
C SER B 115 -9.41 53.71 1.33
N VAL B 116 -10.01 54.83 0.91
CA VAL B 116 -9.85 55.33 -0.45
C VAL B 116 -9.39 56.78 -0.39
N THR B 117 -8.42 57.12 -1.24
CA THR B 117 -7.96 58.49 -1.46
C THR B 117 -8.39 58.96 -2.84
N TYR B 118 -8.84 60.21 -2.92
CA TYR B 118 -9.24 60.76 -4.20
C TYR B 118 -9.17 62.29 -4.21
N SER B 119 -9.09 62.79 -5.44
CA SER B 119 -9.13 64.21 -5.69
C SER B 119 -10.37 64.59 -6.50
N TYR B 120 -10.72 65.87 -6.44
CA TYR B 120 -11.82 66.40 -7.25
C TYR B 120 -11.62 67.89 -7.46
N GLY B 121 -12.04 68.35 -8.64
CA GLY B 121 -11.82 69.72 -9.03
C GLY B 121 -10.86 69.78 -10.21
N ILE B 122 -11.00 70.83 -11.00
CA ILE B 122 -10.01 71.23 -11.98
C ILE B 122 -9.00 72.12 -11.24
N GLY B 123 -7.86 72.38 -11.91
CA GLY B 123 -6.80 73.21 -11.36
C GLY B 123 -6.27 72.58 -10.09
N ASN B 124 -6.05 73.38 -9.05
CA ASN B 124 -5.65 72.81 -7.78
C ASN B 124 -6.84 72.08 -7.19
N SER B 125 -6.97 70.81 -7.51
CA SER B 125 -8.03 69.98 -6.98
C SER B 125 -7.97 69.89 -5.43
N GLN B 126 -8.92 69.19 -4.79
CA GLN B 126 -8.85 68.96 -3.36
C GLN B 126 -8.76 67.46 -3.11
N THR B 127 -8.17 67.10 -1.97
CA THR B 127 -7.92 65.71 -1.65
C THR B 127 -8.64 65.30 -0.37
N LYS B 128 -9.34 64.16 -0.42
CA LYS B 128 -9.95 63.51 0.73
C LYS B 128 -9.41 62.08 0.87
N THR B 129 -9.34 61.61 2.12
CA THR B 129 -9.27 60.18 2.41
C THR B 129 -10.48 59.75 3.25
N LYS B 130 -11.20 58.68 2.87
CA LYS B 130 -12.24 58.14 3.70
C LYS B 130 -11.81 56.75 4.11
N GLU B 131 -11.85 56.45 5.43
CA GLU B 131 -11.65 55.11 5.96
C GLU B 131 -12.93 54.29 5.72
N TYR B 132 -12.79 53.03 5.31
CA TYR B 132 -13.92 52.12 5.21
C TYR B 132 -14.46 51.83 6.60
N SER B 133 -15.78 51.86 6.78
CA SER B 133 -16.26 51.64 8.13
C SER B 133 -16.53 50.16 8.42
N ASP B 134 -16.68 49.34 7.37
CA ASP B 134 -16.90 47.92 7.53
C ASP B 134 -15.58 47.32 8.02
N ASN B 135 -15.63 46.42 8.99
CA ASN B 135 -14.42 45.76 9.48
C ASN B 135 -14.65 44.24 9.39
N PRO B 136 -14.59 43.61 8.21
CA PRO B 136 -15.08 42.25 8.03
C PRO B 136 -14.29 41.18 8.76
N THR B 137 -14.89 39.98 8.92
CA THR B 137 -14.30 38.92 9.70
C THR B 137 -14.48 37.58 8.99
N PHE B 138 -13.70 36.57 9.43
CA PHE B 138 -13.81 35.26 8.83
C PHE B 138 -13.40 34.20 9.83
N LYS B 139 -13.84 32.97 9.55
CA LYS B 139 -13.51 31.76 10.30
C LYS B 139 -12.49 30.96 9.50
N PRO B 140 -11.28 30.63 10.03
CA PRO B 140 -10.40 29.65 9.37
C PRO B 140 -11.07 28.30 9.25
N SER B 141 -10.57 27.42 8.36
CA SER B 141 -11.13 26.07 8.31
C SER B 141 -10.89 25.32 9.63
N ASP B 142 -11.72 24.32 9.90
CA ASP B 142 -11.57 23.52 11.12
C ASP B 142 -10.20 22.88 11.15
N PRO B 143 -9.50 22.79 12.31
CA PRO B 143 -8.24 22.07 12.40
C PRO B 143 -8.48 20.57 12.23
N LEU B 144 -7.39 19.84 12.06
CA LEU B 144 -7.39 18.42 11.78
C LEU B 144 -7.70 17.67 13.07
N THR B 145 -8.35 16.54 12.90
CA THR B 145 -8.27 15.49 13.89
C THR B 145 -7.41 14.40 13.26
N VAL B 146 -6.42 13.87 14.01
CA VAL B 146 -5.46 12.93 13.45
C VAL B 146 -5.63 11.62 14.18
N PRO B 147 -6.19 10.58 13.53
CA PRO B 147 -6.34 9.26 14.16
C PRO B 147 -5.00 8.59 14.43
N VAL B 148 -4.93 7.82 15.53
CA VAL B 148 -3.82 6.91 15.70
C VAL B 148 -4.32 5.51 16.10
N GLU B 149 -3.74 4.46 15.51
CA GLU B 149 -4.17 3.08 15.76
C GLU B 149 -2.98 2.28 16.27
N VAL B 150 -3.21 1.38 17.21
CA VAL B 150 -2.15 0.49 17.72
C VAL B 150 -2.55 -0.94 17.45
N GLU B 151 -1.66 -1.70 16.82
CA GLU B 151 -1.91 -3.12 16.54
C GLU B 151 -0.80 -3.94 17.22
N TRP B 152 -1.17 -4.94 18.05
CA TRP B 152 -0.23 -5.92 18.59
C TRP B 152 -0.34 -7.21 17.78
N GLN B 153 0.84 -7.73 17.42
CA GLN B 153 0.98 -8.97 16.69
C GLN B 153 1.86 -9.93 17.49
N GLY B 154 1.52 -11.23 17.39
CA GLY B 154 2.36 -12.29 17.91
C GLY B 154 3.53 -12.47 16.96
N VAL B 155 4.37 -13.48 17.27
CA VAL B 155 5.66 -13.64 16.64
C VAL B 155 5.50 -13.88 15.14
N THR B 156 4.42 -14.56 14.75
CA THR B 156 4.18 -15.11 13.42
C THR B 156 3.26 -14.20 12.61
N GLY B 157 2.78 -13.08 13.20
CA GLY B 157 2.16 -12.02 12.42
C GLY B 157 0.88 -11.55 13.07
N ALA B 158 -0.04 -11.04 12.22
CA ALA B 158 -1.30 -10.43 12.61
C ALA B 158 -2.25 -11.47 13.20
N ARG B 159 -2.85 -11.08 14.33
CA ARG B 159 -3.81 -11.84 15.13
C ARG B 159 -3.30 -13.24 15.50
N THR B 160 -2.00 -13.39 15.72
CA THR B 160 -1.47 -14.60 16.32
C THR B 160 -1.27 -14.33 17.81
N VAL B 161 -1.43 -15.36 18.65
CA VAL B 161 -1.41 -15.23 20.09
C VAL B 161 -0.10 -14.60 20.56
N ILE B 162 -0.17 -13.65 21.50
CA ILE B 162 0.99 -13.01 22.07
C ILE B 162 1.28 -13.68 23.40
N THR B 163 2.57 -13.95 23.69
CA THR B 163 2.93 -14.61 24.94
C THR B 163 3.69 -13.68 25.87
N ALA B 164 4.30 -12.62 25.33
CA ALA B 164 5.17 -11.72 26.09
C ALA B 164 4.31 -10.81 26.96
N ASP B 165 4.88 -10.36 28.08
CA ASP B 165 4.37 -9.25 28.86
C ASP B 165 4.15 -8.00 28.00
N GLN B 166 3.03 -7.30 28.21
CA GLN B 166 2.68 -6.04 27.58
C GLN B 166 2.46 -5.03 28.69
N PRO B 167 2.74 -3.72 28.49
CA PRO B 167 2.40 -2.72 29.51
C PRO B 167 0.89 -2.44 29.43
N SER B 168 0.32 -1.73 30.41
CA SER B 168 -1.14 -1.63 30.43
C SER B 168 -1.66 -0.51 29.53
N ASN B 169 -0.75 0.39 29.12
CA ASN B 169 -1.03 1.36 28.08
C ASN B 169 0.29 1.90 27.50
N VAL B 170 0.18 2.59 26.35
CA VAL B 170 1.29 3.29 25.73
C VAL B 170 0.94 4.75 25.51
N GLU B 171 1.91 5.64 25.73
CA GLU B 171 1.75 7.06 25.53
C GLU B 171 2.23 7.38 24.11
N LEU B 172 1.33 7.81 23.24
CA LEU B 172 1.74 8.26 21.91
C LEU B 172 1.74 9.80 21.86
N LYS B 173 2.72 10.36 21.13
CA LYS B 173 2.85 11.80 21.01
C LYS B 173 2.89 12.18 19.54
N LEU B 174 2.17 13.27 19.22
CA LEU B 174 2.23 13.81 17.87
C LEU B 174 3.31 14.88 17.87
N VAL B 175 4.21 14.80 16.87
CA VAL B 175 5.34 15.70 16.74
C VAL B 175 5.01 16.63 15.60
N GLN B 176 4.97 17.93 15.87
CA GLN B 176 4.77 18.91 14.83
C GLN B 176 6.18 19.32 14.42
N LYS B 177 6.58 18.97 13.19
CA LYS B 177 7.92 19.27 12.70
C LYS B 177 8.03 20.76 12.45
N ASN B 178 9.12 21.35 12.98
CA ASN B 178 9.31 22.78 12.83
C ASN B 178 9.66 23.08 11.39
N LYS B 179 9.12 24.18 10.85
CA LYS B 179 9.41 24.49 9.47
C LYS B 179 10.45 25.60 9.41
N ASN B 180 10.18 26.73 10.08
CA ASN B 180 10.97 27.97 10.10
C ASN B 180 12.20 27.92 11.03
N GLY B 181 13.23 27.17 10.64
CA GLY B 181 14.32 26.83 11.54
C GLY B 181 13.78 26.01 12.72
N GLY B 182 14.45 26.13 13.87
CA GLY B 182 13.87 25.74 15.14
C GLY B 182 13.74 24.22 15.30
N SER B 183 13.21 23.81 16.46
CA SER B 183 13.14 22.41 16.84
C SER B 183 11.72 21.86 16.71
N ASP B 184 11.63 20.56 16.41
CA ASP B 184 10.37 19.88 16.36
C ASP B 184 9.73 19.91 17.75
N ASN B 185 8.43 20.07 17.78
CA ASN B 185 7.65 20.02 19.01
C ASN B 185 7.19 18.57 19.25
N GLN B 186 7.83 17.94 20.23
CA GLN B 186 7.69 16.52 20.43
C GLN B 186 6.59 16.22 21.44
N ASP B 187 6.04 17.29 22.00
CA ASP B 187 4.95 17.16 22.94
C ASP B 187 3.74 17.92 22.44
N TYR B 188 3.54 17.99 21.12
CA TYR B 188 2.49 18.83 20.57
C TYR B 188 1.12 18.33 20.97
N ARG B 189 0.85 17.04 20.85
CA ARG B 189 -0.36 16.44 21.40
C ARG B 189 -0.01 15.04 21.91
N LYS B 190 -0.71 14.55 22.94
CA LYS B 190 -0.41 13.28 23.56
C LYS B 190 -1.72 12.52 23.80
N THR B 191 -1.68 11.20 23.71
CA THR B 191 -2.84 10.38 24.02
C THR B 191 -2.33 9.09 24.69
N ASN B 192 -3.12 8.55 25.62
CA ASN B 192 -2.78 7.27 26.23
C ASN B 192 -3.66 6.19 25.64
N VAL B 193 -3.06 5.21 24.95
CA VAL B 193 -3.87 4.14 24.38
C VAL B 193 -3.83 2.98 25.35
N ASN B 194 -5.00 2.45 25.61
CA ASN B 194 -5.23 1.27 26.42
C ASN B 194 -4.51 0.05 25.82
N VAL B 195 -4.04 -0.87 26.66
CA VAL B 195 -3.55 -2.14 26.13
C VAL B 195 -4.14 -3.27 26.95
N SER B 196 -4.95 -4.09 26.29
CA SER B 196 -5.55 -5.23 26.96
C SER B 196 -5.04 -6.47 26.28
N LYS B 197 -4.72 -7.48 27.11
CA LYS B 197 -4.43 -8.82 26.65
C LYS B 197 -5.50 -9.26 25.65
N ASN B 198 -5.06 -9.63 24.44
CA ASN B 198 -5.88 -10.21 23.37
C ASN B 198 -6.85 -9.22 22.70
N VAL B 199 -6.71 -7.92 22.97
CA VAL B 199 -7.32 -6.95 22.07
C VAL B 199 -6.20 -6.45 21.16
N SER B 200 -6.22 -6.89 19.90
CA SER B 200 -5.11 -6.64 18.99
C SER B 200 -5.10 -5.23 18.35
N ASN B 201 -6.24 -4.50 18.35
CA ASN B 201 -6.40 -3.23 17.65
C ASN B 201 -7.24 -2.28 18.52
N GLU B 202 -6.84 -1.00 18.56
CA GLU B 202 -7.28 0.00 19.51
C GLU B 202 -6.97 1.38 18.92
N THR B 203 -7.89 2.35 18.97
CA THR B 203 -7.74 3.61 18.23
C THR B 203 -8.04 4.82 19.12
N ARG B 204 -7.33 5.91 18.89
CA ARG B 204 -7.61 7.17 19.56
C ARG B 204 -7.38 8.24 18.53
N ASN B 205 -7.61 9.50 18.88
CA ASN B 205 -7.23 10.52 17.92
C ASN B 205 -6.72 11.76 18.64
N PHE B 206 -5.71 12.45 18.02
CA PHE B 206 -5.32 13.79 18.44
C PHE B 206 -6.34 14.81 17.91
N GLU B 207 -6.90 15.64 18.79
CA GLU B 207 -7.89 16.65 18.46
C GLU B 207 -7.21 18.01 18.19
N LYS B 208 -7.80 18.81 17.29
CA LYS B 208 -7.44 20.22 17.18
C LYS B 208 -5.99 20.40 16.74
N VAL B 209 -5.63 19.75 15.63
CA VAL B 209 -4.25 19.72 15.17
C VAL B 209 -4.13 20.76 14.06
N ALA B 210 -3.16 21.67 14.18
CA ALA B 210 -3.14 22.81 13.29
C ALA B 210 -2.68 22.35 11.90
N LYS B 211 -3.34 22.81 10.84
CA LYS B 211 -2.88 22.55 9.48
C LYS B 211 -1.65 23.45 9.18
N GLY B 212 -0.91 23.15 8.09
CA GLY B 212 0.27 23.90 7.69
C GLY B 212 1.57 23.20 8.07
N TYR B 213 1.53 22.09 8.83
CA TYR B 213 2.78 21.46 9.27
C TYR B 213 2.86 20.00 8.85
N GLN B 214 4.08 19.44 8.83
CA GLN B 214 4.19 18.00 8.74
C GLN B 214 4.21 17.40 10.13
N TYR B 215 3.62 16.21 10.28
CA TYR B 215 3.50 15.60 11.59
C TYR B 215 4.23 14.27 11.58
N ASP B 216 4.70 13.85 12.75
CA ASP B 216 5.16 12.50 12.88
C ASP B 216 4.70 11.98 14.24
N LEU B 217 4.96 10.69 14.54
CA LEU B 217 4.48 10.13 15.79
C LEU B 217 5.64 9.57 16.62
N ILE B 218 5.53 9.67 17.96
CA ILE B 218 6.48 9.00 18.82
C ILE B 218 5.70 7.98 19.66
N ALA B 219 6.23 6.77 19.74
CA ALA B 219 5.60 5.63 20.41
C ALA B 219 6.68 4.93 21.23
N PRO B 220 6.39 4.42 22.43
CA PRO B 220 7.47 3.92 23.29
C PRO B 220 8.04 2.62 22.71
N ASP B 221 9.33 2.42 23.05
CA ASP B 221 9.98 1.14 22.91
C ASP B 221 9.40 0.15 23.91
N VAL B 222 8.87 -0.94 23.40
CA VAL B 222 8.33 -1.93 24.33
C VAL B 222 9.21 -3.17 24.28
N PRO B 223 9.87 -3.53 25.42
CA PRO B 223 10.67 -4.77 25.50
C PRO B 223 9.92 -5.99 25.03
N ALA B 224 10.60 -6.84 24.26
CA ALA B 224 10.06 -8.06 23.68
C ALA B 224 9.39 -7.83 22.32
N PHE B 225 9.21 -6.56 21.88
CA PHE B 225 8.49 -6.31 20.63
C PHE B 225 9.27 -5.35 19.75
N THR B 226 9.17 -5.53 18.41
CA THR B 226 9.64 -4.53 17.46
C THR B 226 8.46 -3.63 17.11
N LYS B 227 8.77 -2.44 16.58
CA LYS B 227 7.86 -1.31 16.47
C LYS B 227 7.93 -0.77 15.03
N GLU B 228 6.79 -0.61 14.37
CA GLU B 228 6.79 0.03 13.07
C GLU B 228 5.74 1.14 13.07
N ILE B 229 6.13 2.36 12.63
CA ILE B 229 5.19 3.47 12.62
C ILE B 229 4.94 3.88 11.17
N LYS B 230 3.67 3.99 10.73
CA LYS B 230 3.46 4.42 9.36
C LYS B 230 2.34 5.46 9.35
N ASN B 231 2.47 6.44 8.46
CA ASN B 231 1.41 7.38 8.18
C ASN B 231 0.54 6.74 7.10
N VAL B 232 -0.61 6.19 7.46
CA VAL B 232 -1.51 5.55 6.50
C VAL B 232 -2.42 6.58 5.80
N GLY B 233 -2.40 7.87 6.22
CA GLY B 233 -3.07 8.93 5.49
C GLY B 233 -2.12 9.62 4.52
N THR B 234 -2.15 10.97 4.50
CA THR B 234 -1.31 11.79 3.62
C THR B 234 -0.54 12.81 4.45
N GLU B 235 0.30 13.63 3.80
CA GLU B 235 1.00 14.70 4.51
C GLU B 235 0.00 15.70 5.09
N SER B 236 -1.01 16.08 4.31
CA SER B 236 -1.90 17.12 4.79
C SER B 236 -3.01 16.53 5.63
N ASN B 237 -3.30 15.22 5.53
CA ASN B 237 -4.31 14.62 6.41
C ASN B 237 -3.75 13.33 6.99
N PRO B 238 -2.86 13.50 7.98
CA PRO B 238 -2.10 12.38 8.52
C PRO B 238 -3.04 11.48 9.28
N SER B 239 -2.71 10.17 9.30
CA SER B 239 -3.36 9.17 10.10
C SER B 239 -2.33 8.09 10.39
N PHE B 240 -2.13 7.72 11.67
CA PHE B 240 -0.98 6.88 12.00
C PHE B 240 -1.39 5.50 12.52
N LYS B 241 -0.56 4.52 12.17
CA LYS B 241 -0.64 3.15 12.68
C LYS B 241 0.72 2.77 13.26
N VAL B 242 0.66 2.25 14.50
CA VAL B 242 1.82 1.70 15.19
C VAL B 242 1.62 0.19 15.29
N ILE B 243 2.61 -0.61 14.82
CA ILE B 243 2.49 -2.05 14.94
C ILE B 243 3.62 -2.58 15.82
N TYR B 244 3.26 -3.19 16.96
CA TYR B 244 4.17 -3.93 17.81
C TYR B 244 4.04 -5.43 17.49
N LYS B 245 5.17 -6.01 17.09
CA LYS B 245 5.31 -7.39 16.67
C LYS B 245 6.25 -8.12 17.63
N GLN B 246 5.75 -9.13 18.33
CA GLN B 246 6.60 -9.84 19.31
C GLN B 246 7.84 -10.43 18.64
N LEU B 247 9.00 -10.31 19.30
CA LEU B 247 10.24 -10.94 18.85
C LEU B 247 10.30 -12.44 19.18
N PRO B 248 10.98 -13.30 18.39
CA PRO B 248 11.01 -14.73 18.67
C PRO B 248 11.98 -15.13 19.78
N SER B 249 11.82 -16.35 20.28
CA SER B 249 12.60 -16.84 21.41
C SER B 249 13.10 -18.25 21.10
N LEU B 250 14.31 -18.55 21.61
CA LEU B 250 14.92 -19.86 21.42
C LEU B 250 15.01 -20.59 22.74
N THR B 251 14.37 -21.76 22.76
CA THR B 251 14.36 -22.60 23.94
C THR B 251 15.35 -23.72 23.69
N ILE B 252 16.28 -23.88 24.67
CA ILE B 252 17.19 -25.02 24.65
C ILE B 252 16.75 -26.04 25.68
N LYS B 253 16.55 -27.29 25.22
CA LYS B 253 16.07 -28.33 26.12
C LYS B 253 17.05 -29.50 26.18
N LYS B 254 17.20 -30.08 27.37
CA LYS B 254 18.00 -31.28 27.50
C LYS B 254 17.11 -32.48 27.83
N VAL B 255 17.31 -33.56 27.14
CA VAL B 255 16.61 -34.78 27.51
C VAL B 255 17.66 -35.83 27.88
N LEU B 256 17.42 -36.49 29.02
CA LEU B 256 18.20 -37.64 29.48
C LEU B 256 17.51 -38.91 29.00
N GLU B 257 18.26 -39.88 28.51
CA GLU B 257 17.65 -41.17 28.15
C GLU B 257 18.51 -42.28 28.72
N ALA B 258 17.87 -43.33 29.27
CA ALA B 258 18.53 -44.47 29.90
C ALA B 258 19.52 -44.04 30.98
N GLU B 259 19.22 -42.95 31.68
CA GLU B 259 20.07 -42.33 32.70
C GLU B 259 19.28 -42.14 34.02
N ASN B 260 19.68 -42.90 35.05
CA ASN B 260 18.94 -42.93 36.31
C ASN B 260 19.52 -41.89 37.28
N ASN B 261 20.64 -41.25 36.95
CA ASN B 261 21.16 -40.11 37.71
C ASN B 261 20.62 -38.78 37.15
N LEU B 262 19.73 -38.12 37.90
CA LEU B 262 19.07 -36.88 37.46
C LEU B 262 19.75 -35.69 38.11
N ASN B 263 20.92 -35.92 38.71
CA ASN B 263 21.58 -34.85 39.44
C ASN B 263 22.73 -34.24 38.66
N LYS B 264 23.00 -34.74 37.44
CA LYS B 264 24.07 -34.17 36.60
C LYS B 264 23.65 -32.80 36.04
N GLU B 265 24.65 -31.93 35.78
CA GLU B 265 24.42 -30.70 35.04
C GLU B 265 25.14 -30.80 33.70
N PHE B 266 24.59 -30.19 32.63
CA PHE B 266 25.18 -30.19 31.29
C PHE B 266 25.40 -28.76 30.83
N ARG B 267 26.51 -28.49 30.10
CA ARG B 267 26.75 -27.16 29.57
C ARG B 267 26.53 -27.20 28.06
N ILE B 268 25.69 -26.30 27.54
CA ILE B 268 25.31 -26.30 26.14
C ILE B 268 25.62 -24.93 25.54
N LYS B 269 26.43 -24.90 24.47
CA LYS B 269 26.84 -23.67 23.83
C LYS B 269 25.85 -23.41 22.71
N VAL B 270 25.54 -22.12 22.47
CA VAL B 270 24.68 -21.73 21.36
C VAL B 270 25.44 -20.65 20.64
N LYS B 271 25.54 -20.75 19.32
CA LYS B 271 26.27 -19.77 18.54
C LYS B 271 25.22 -19.00 17.73
N LEU B 272 25.23 -17.68 17.85
CA LEU B 272 24.18 -16.82 17.31
C LEU B 272 24.81 -15.77 16.42
N THR B 273 24.45 -15.77 15.14
CA THR B 273 25.00 -14.80 14.19
C THR B 273 23.86 -14.06 13.55
N SER B 274 24.12 -12.81 13.15
CA SER B 274 23.07 -11.93 12.63
C SER B 274 22.94 -12.10 11.12
N PRO B 275 21.78 -11.75 10.50
CA PRO B 275 21.72 -11.65 9.03
C PRO B 275 22.86 -10.84 8.38
N ASP B 276 23.27 -9.69 8.98
CA ASP B 276 24.36 -8.85 8.47
C ASP B 276 25.74 -9.43 8.75
N SER B 277 25.83 -10.76 8.86
CA SER B 277 27.03 -11.48 9.24
C SER B 277 27.83 -10.71 10.31
N LYS B 278 27.38 -10.69 11.58
CA LYS B 278 27.97 -9.79 12.57
C LYS B 278 28.04 -10.35 14.01
N PRO B 279 28.85 -9.68 14.89
CA PRO B 279 28.93 -10.01 16.32
C PRO B 279 27.62 -9.71 17.03
N LEU B 280 26.93 -10.75 17.55
CA LEU B 280 25.72 -10.45 18.29
C LEU B 280 26.06 -10.34 19.78
N ASN B 281 25.73 -9.19 20.37
CA ASN B 281 25.96 -8.94 21.78
C ASN B 281 24.67 -8.51 22.47
N GLY B 282 24.50 -8.83 23.76
CA GLY B 282 23.32 -8.41 24.52
C GLY B 282 22.81 -9.50 25.44
N THR B 283 21.74 -9.21 26.17
CA THR B 283 21.17 -10.13 27.16
C THR B 283 19.73 -10.44 26.75
N PHE B 284 19.35 -11.72 26.76
CA PHE B 284 18.06 -12.15 26.28
C PHE B 284 17.41 -13.00 27.35
N GLY B 285 16.52 -12.41 28.14
CA GLY B 285 16.06 -13.10 29.31
C GLY B 285 17.18 -13.25 30.35
N GLU B 286 17.56 -14.50 30.63
CA GLU B 286 18.62 -14.74 31.61
C GLU B 286 20.00 -14.89 30.94
N ILE B 287 20.02 -15.05 29.61
CA ILE B 287 21.22 -15.50 28.92
C ILE B 287 21.90 -14.31 28.30
N THR B 288 23.21 -14.15 28.55
CA THR B 288 23.98 -13.07 27.96
C THR B 288 24.78 -13.68 26.81
N VAL B 289 24.85 -12.98 25.68
CA VAL B 289 25.53 -13.47 24.50
C VAL B 289 26.68 -12.51 24.24
N VAL B 290 27.89 -13.06 24.19
CA VAL B 290 29.06 -12.23 24.05
C VAL B 290 29.67 -12.67 22.73
N ASN B 291 29.66 -11.76 21.78
CA ASN B 291 30.35 -12.07 20.54
C ASN B 291 29.81 -13.37 19.92
N GLY B 292 28.48 -13.47 19.83
CA GLY B 292 27.80 -14.59 19.20
C GLY B 292 27.76 -15.86 20.05
N GLU B 293 28.48 -15.91 21.18
CA GLU B 293 28.52 -17.14 21.95
C GLU B 293 27.61 -17.01 23.16
N ALA B 294 26.81 -18.02 23.46
CA ALA B 294 26.06 -18.07 24.72
C ALA B 294 26.20 -19.46 25.31
N GLU B 295 26.11 -19.54 26.65
CA GLU B 295 26.27 -20.84 27.33
C GLU B 295 25.09 -21.07 28.26
N ILE B 296 24.44 -22.21 28.17
CA ILE B 296 23.28 -22.52 29.01
C ILE B 296 23.70 -23.70 29.89
N ARG B 297 23.49 -23.60 31.19
CA ARG B 297 23.86 -24.67 32.09
C ARG B 297 22.52 -25.27 32.49
N VAL B 298 22.24 -26.56 32.21
CA VAL B 298 20.94 -27.12 32.54
C VAL B 298 21.04 -28.18 33.64
N GLU B 299 19.97 -28.36 34.44
CA GLU B 299 19.85 -29.29 35.55
C GLU B 299 18.36 -29.44 35.88
N LYS B 300 18.03 -30.38 36.76
CA LYS B 300 16.64 -30.70 37.07
C LYS B 300 15.93 -29.49 37.69
N ARG B 301 16.63 -28.73 38.54
CA ARG B 301 16.12 -27.55 39.21
C ARG B 301 15.61 -26.48 38.21
N LYS B 302 16.17 -26.41 36.99
CA LYS B 302 15.78 -25.47 35.96
C LYS B 302 14.98 -26.15 34.84
N ARG B 303 14.41 -27.33 35.18
CA ARG B 303 13.54 -28.09 34.31
C ARG B 303 14.20 -28.36 32.96
N TRP B 304 15.50 -28.69 33.05
CA TRP B 304 16.32 -29.10 31.91
C TRP B 304 16.14 -28.17 30.72
N ARG B 305 16.22 -26.85 30.96
CA ARG B 305 15.88 -25.92 29.90
C ARG B 305 16.49 -24.53 30.15
N GLY B 306 16.76 -23.79 29.08
CA GLY B 306 17.11 -22.39 29.17
C GLY B 306 16.45 -21.68 27.99
N ILE B 307 16.20 -20.39 28.13
CA ILE B 307 15.46 -19.66 27.10
C ILE B 307 16.23 -18.40 26.78
N LEU B 308 16.67 -18.25 25.52
CA LEU B 308 17.08 -16.95 25.01
C LEU B 308 15.82 -16.22 24.51
N SER B 309 15.32 -15.29 25.31
CA SER B 309 14.06 -14.63 25.00
C SER B 309 14.29 -13.45 24.06
N TYR B 310 13.53 -13.42 22.95
CA TYR B 310 13.30 -12.20 22.20
C TYR B 310 14.57 -11.76 21.51
N LEU B 311 15.17 -12.72 20.77
CA LEU B 311 16.33 -12.50 19.90
C LEU B 311 15.91 -11.72 18.66
N PRO B 312 16.84 -11.05 17.96
CA PRO B 312 16.53 -10.39 16.68
C PRO B 312 15.89 -11.41 15.73
N ARG B 313 14.89 -10.98 14.97
CA ARG B 313 14.23 -11.77 13.95
C ARG B 313 15.30 -12.13 12.91
N GLY B 314 15.29 -13.39 12.47
CA GLY B 314 16.25 -13.86 11.48
C GLY B 314 17.59 -14.35 12.05
N THR B 315 17.76 -14.32 13.39
CA THR B 315 19.06 -14.71 13.92
C THR B 315 19.35 -16.18 13.63
N HIS B 316 20.59 -16.44 13.21
CA HIS B 316 21.04 -17.79 12.92
C HIS B 316 21.60 -18.43 14.20
N TYR B 317 21.12 -19.66 14.49
CA TYR B 317 21.55 -20.37 15.69
C TYR B 317 22.16 -21.72 15.34
N LYS B 318 23.19 -22.11 16.13
CA LYS B 318 23.76 -23.44 16.08
C LYS B 318 24.08 -23.87 17.50
N VAL B 319 23.36 -24.91 17.93
CA VAL B 319 23.46 -25.39 19.29
C VAL B 319 24.38 -26.61 19.29
N GLU B 320 25.23 -26.66 20.31
CA GLU B 320 26.09 -27.81 20.45
C GLU B 320 26.47 -28.02 21.92
N GLU B 321 26.50 -29.29 22.35
CA GLU B 321 26.86 -29.50 23.74
C GLU B 321 28.37 -29.44 23.90
N GLU B 322 28.83 -28.87 25.02
CA GLU B 322 30.25 -28.83 25.32
C GLU B 322 30.81 -30.25 25.34
N ALA B 323 31.97 -30.43 24.75
CA ALA B 323 32.69 -31.69 24.71
C ALA B 323 32.70 -32.37 26.08
N ALA B 324 33.10 -31.66 27.14
CA ALA B 324 33.25 -32.26 28.45
C ALA B 324 31.91 -32.91 28.83
N SER B 325 30.82 -32.17 28.61
CA SER B 325 29.49 -32.64 28.99
C SER B 325 29.00 -33.86 28.19
N THR B 326 29.72 -34.30 27.15
CA THR B 326 29.19 -35.35 26.32
C THR B 326 29.77 -36.69 26.77
N ASN B 327 30.81 -36.67 27.64
CA ASN B 327 31.47 -37.93 28.02
C ASN B 327 30.50 -38.91 28.67
N GLY B 328 30.45 -40.14 28.15
CA GLY B 328 29.58 -41.17 28.69
C GLY B 328 28.21 -41.20 28.02
N TYR B 329 27.99 -40.41 26.96
CA TYR B 329 26.68 -40.30 26.32
C TYR B 329 26.81 -40.37 24.81
N HIS B 330 25.84 -40.96 24.14
CA HIS B 330 25.61 -40.75 22.74
C HIS B 330 24.65 -39.55 22.64
N VAL B 331 25.14 -38.44 22.07
CA VAL B 331 24.47 -37.16 22.07
C VAL B 331 23.89 -36.91 20.68
N THR B 332 22.58 -36.64 20.57
CA THR B 332 21.93 -36.38 19.30
C THR B 332 21.12 -35.12 19.48
N TYR B 333 20.77 -34.46 18.35
CA TYR B 333 20.18 -33.12 18.39
C TYR B 333 18.95 -33.09 17.50
N GLU B 334 17.91 -32.42 17.98
CA GLU B 334 16.81 -32.03 17.11
C GLU B 334 16.80 -30.52 17.02
N ASN B 335 16.70 -30.05 15.77
CA ASN B 335 16.63 -28.64 15.51
C ASN B 335 17.90 -27.96 16.02
N GLN B 336 19.03 -28.57 15.70
CA GLN B 336 20.33 -28.06 16.09
C GLN B 336 20.62 -26.67 15.47
N GLU B 337 20.21 -26.51 14.22
CA GLU B 337 20.62 -25.36 13.44
C GLU B 337 19.41 -24.79 12.73
N GLY B 338 19.39 -23.47 12.55
CA GLY B 338 18.29 -22.85 11.84
C GLY B 338 18.35 -21.33 11.88
N ASP B 339 17.31 -20.71 11.32
CA ASP B 339 17.11 -19.28 11.42
C ASP B 339 15.84 -19.01 12.22
N LEU B 340 15.92 -18.04 13.13
CA LEU B 340 14.88 -17.83 14.10
C LEU B 340 13.87 -16.78 13.59
N ASN B 341 12.81 -17.28 12.95
CA ASN B 341 11.76 -16.43 12.41
C ASN B 341 10.41 -16.67 13.09
N LYS B 342 10.34 -17.72 13.92
CA LYS B 342 9.28 -17.88 14.89
C LYS B 342 9.89 -18.51 16.13
N ASP B 343 9.09 -18.82 17.13
CA ASP B 343 9.68 -19.48 18.28
C ASP B 343 10.20 -20.86 17.91
N GLU B 344 11.36 -21.22 18.51
CA GLU B 344 12.10 -22.43 18.19
C GLU B 344 12.57 -23.13 19.47
N THR B 345 12.50 -24.46 19.43
CA THR B 345 12.98 -25.30 20.51
C THR B 345 14.09 -26.17 19.93
N SER B 346 15.25 -26.14 20.57
CA SER B 346 16.35 -26.97 20.10
C SER B 346 16.65 -27.99 21.21
N THR B 347 16.61 -29.30 20.85
CA THR B 347 16.70 -30.35 21.89
C THR B 347 17.99 -31.15 21.83
N VAL B 348 18.70 -31.20 22.98
CA VAL B 348 19.93 -31.99 23.11
C VAL B 348 19.60 -33.26 23.87
N THR B 349 19.79 -34.43 23.25
CA THR B 349 19.47 -35.68 23.92
C THR B 349 20.77 -36.37 24.34
N ASN B 350 20.90 -36.64 25.63
CA ASN B 350 22.06 -37.34 26.14
C ASN B 350 21.61 -38.73 26.54
N HIS B 351 21.93 -39.71 25.69
CA HIS B 351 21.56 -41.09 25.90
C HIS B 351 22.77 -41.81 26.53
N LYS B 352 22.61 -42.35 27.73
CA LYS B 352 23.77 -42.94 28.38
C LYS B 352 24.32 -44.15 27.62
N LEU B 353 25.65 -44.19 27.44
CA LEU B 353 26.27 -45.25 26.66
C LEU B 353 26.08 -46.61 27.34
N PRO B 354 25.85 -47.72 26.61
CA PRO B 354 25.60 -49.02 27.26
C PRO B 354 26.86 -49.67 27.81
N SER B 355 26.69 -50.67 28.67
CA SER B 355 27.81 -51.47 29.14
C SER B 355 27.57 -52.90 28.75
N LEU B 356 28.63 -53.72 28.76
CA LEU B 356 28.53 -55.17 28.75
C LEU B 356 29.11 -55.76 30.05
N SER B 357 28.34 -56.63 30.70
CA SER B 357 28.86 -57.44 31.81
C SER B 357 29.04 -58.89 31.35
N VAL B 358 30.12 -59.55 31.78
CA VAL B 358 30.34 -60.96 31.48
C VAL B 358 30.63 -61.64 32.80
N THR B 359 29.97 -62.80 33.01
CA THR B 359 30.06 -63.53 34.26
C THR B 359 30.48 -64.96 33.97
N LYS B 360 31.37 -65.48 34.81
CA LYS B 360 31.76 -66.89 34.77
C LYS B 360 31.08 -67.66 35.90
N LYS B 361 30.33 -68.71 35.52
CA LYS B 361 29.77 -69.65 36.49
C LYS B 361 30.46 -71.02 36.33
N VAL B 362 30.77 -71.68 37.45
CA VAL B 362 31.42 -73.00 37.38
C VAL B 362 30.60 -74.04 38.14
N THR B 363 30.24 -75.17 37.50
CA THR B 363 29.39 -76.21 38.08
C THR B 363 30.05 -77.60 38.04
N GLY B 364 29.45 -78.59 38.72
CA GLY B 364 29.84 -80.00 38.64
C GLY B 364 30.81 -80.43 39.74
N LYS B 371 41.59 -71.57 39.25
CA LYS B 371 41.52 -71.64 37.77
C LYS B 371 40.86 -70.38 37.21
N SER B 372 41.64 -69.68 36.38
CA SER B 372 41.22 -68.55 35.57
C SER B 372 40.65 -69.07 34.25
N PHE B 373 39.69 -68.33 33.64
CA PHE B 373 39.06 -68.71 32.39
C PHE B 373 39.08 -67.54 31.40
N LYS B 374 39.58 -67.83 30.21
CA LYS B 374 39.83 -66.80 29.21
C LYS B 374 38.64 -66.78 28.24
N ILE B 375 38.10 -65.55 28.08
CA ILE B 375 36.94 -65.28 27.26
C ILE B 375 37.27 -64.13 26.33
N THR B 376 36.87 -64.29 25.06
CA THR B 376 37.10 -63.32 24.01
C THR B 376 35.79 -62.58 23.80
N ILE B 377 35.85 -61.25 23.79
CA ILE B 377 34.69 -60.43 23.47
C ILE B 377 34.92 -59.86 22.07
N ASN B 378 33.91 -59.96 21.21
CA ASN B 378 33.92 -59.37 19.88
C ASN B 378 32.80 -58.32 19.79
N ILE B 379 33.13 -57.09 19.41
CA ILE B 379 32.15 -56.01 19.30
C ILE B 379 32.36 -55.33 17.94
N ARG B 380 31.25 -55.14 17.23
CA ARG B 380 31.19 -54.31 16.02
C ARG B 380 30.35 -53.09 16.36
N ASP B 381 30.70 -51.90 15.86
CA ASP B 381 29.92 -50.72 16.23
C ASP B 381 28.60 -50.68 15.45
N ALA B 382 27.81 -49.63 15.68
CA ALA B 382 26.50 -49.49 15.04
C ALA B 382 26.63 -49.59 13.52
N GLN B 383 27.68 -48.99 12.94
CA GLN B 383 27.91 -49.02 11.50
C GLN B 383 28.55 -50.35 11.10
N ASN B 384 28.72 -51.28 12.06
CA ASN B 384 29.17 -52.63 11.75
C ASN B 384 30.69 -52.68 11.46
N SER B 385 31.48 -51.70 11.93
CA SER B 385 32.92 -51.79 11.78
C SER B 385 33.57 -52.13 13.14
N PRO B 386 34.57 -53.05 13.16
CA PRO B 386 35.03 -53.63 14.42
C PRO B 386 35.59 -52.54 15.31
N LEU B 387 35.35 -52.67 16.61
CA LEU B 387 35.67 -51.68 17.63
C LEU B 387 37.18 -51.58 17.80
N ASN B 388 37.69 -50.34 17.86
CA ASN B 388 39.06 -50.05 18.26
C ASN B 388 39.05 -49.00 19.36
N GLY B 389 39.61 -49.34 20.51
CA GLY B 389 39.67 -48.34 21.56
C GLY B 389 39.77 -49.01 22.92
N THR B 390 39.93 -48.18 23.95
CA THR B 390 40.06 -48.62 25.31
C THR B 390 38.84 -48.14 26.10
N TYR B 391 38.26 -49.04 26.93
CA TYR B 391 37.10 -48.71 27.74
C TYR B 391 37.39 -49.04 29.21
N THR B 392 36.73 -48.36 30.16
CA THR B 392 36.93 -48.73 31.55
C THR B 392 36.19 -50.04 31.82
N ALA B 393 36.82 -50.96 32.54
CA ALA B 393 36.27 -52.25 32.89
C ALA B 393 36.46 -52.40 34.40
N THR B 394 35.52 -53.09 35.07
CA THR B 394 35.60 -53.20 36.51
C THR B 394 35.45 -54.65 36.93
N VAL B 395 36.41 -55.12 37.71
CA VAL B 395 36.29 -56.41 38.40
C VAL B 395 36.48 -56.19 39.90
N ASN B 396 35.36 -56.35 40.63
CA ASN B 396 35.16 -56.03 42.03
C ASN B 396 35.89 -54.75 42.37
N ASN B 397 35.36 -53.63 41.87
CA ASN B 397 35.80 -52.30 42.24
C ASN B 397 37.21 -51.96 41.76
N LYS B 398 37.84 -52.85 40.98
CA LYS B 398 39.14 -52.54 40.39
C LYS B 398 38.92 -52.13 38.94
N ARG B 399 39.07 -50.83 38.67
CA ARG B 399 38.92 -50.27 37.34
C ARG B 399 40.21 -50.48 36.55
N THR B 400 40.25 -51.49 35.67
CA THR B 400 41.33 -51.61 34.69
C THR B 400 40.81 -51.26 33.29
N PRO B 401 41.57 -50.48 32.48
CA PRO B 401 41.23 -50.27 31.08
C PRO B 401 41.24 -51.57 30.30
N LEU B 402 40.30 -51.76 29.36
CA LEU B 402 40.25 -52.92 28.47
C LEU B 402 40.28 -52.40 27.04
N GLN B 403 41.18 -52.98 26.22
CA GLN B 403 41.41 -52.43 24.91
C GLN B 403 40.94 -53.43 23.86
N PHE B 404 40.24 -52.89 22.84
CA PHE B 404 39.69 -53.69 21.75
C PHE B 404 40.58 -53.41 20.56
N THR B 405 41.17 -54.47 19.99
CA THR B 405 41.90 -54.35 18.75
C THR B 405 41.10 -55.05 17.65
N ASN B 406 40.74 -54.23 16.67
CA ASN B 406 40.03 -54.79 15.54
C ASN B 406 38.81 -55.58 16.02
N GLY B 407 38.11 -55.12 17.06
CA GLY B 407 36.88 -55.78 17.42
C GLY B 407 37.05 -56.80 18.54
N ARG B 408 38.28 -57.25 18.83
CA ARG B 408 38.45 -58.29 19.85
C ARG B 408 39.10 -57.73 21.11
N ALA B 409 38.54 -58.09 22.25
CA ALA B 409 39.28 -57.96 23.50
C ALA B 409 39.21 -59.29 24.22
N SER B 410 40.07 -59.47 25.22
CA SER B 410 39.88 -60.73 25.92
C SER B 410 40.10 -60.58 27.41
N ILE B 411 39.36 -61.38 28.17
CA ILE B 411 39.27 -61.17 29.60
C ILE B 411 39.51 -62.52 30.28
N ASP B 412 39.96 -62.40 31.54
CA ASP B 412 40.20 -63.52 32.42
C ASP B 412 39.30 -63.42 33.65
N LEU B 413 38.41 -64.41 33.77
CA LEU B 413 37.45 -64.48 34.86
C LEU B 413 37.69 -65.72 35.74
N ASN B 414 37.55 -65.56 37.07
CA ASN B 414 37.40 -66.69 37.98
C ASN B 414 35.92 -66.97 38.25
N LYS B 415 35.69 -68.07 38.97
CA LYS B 415 34.36 -68.48 39.36
C LYS B 415 33.66 -67.31 40.01
N ASP B 416 32.47 -66.98 39.49
CA ASP B 416 31.54 -66.03 40.09
C ASP B 416 32.10 -64.62 39.97
N GLN B 417 32.97 -64.37 38.98
CA GLN B 417 33.41 -63.00 38.78
C GLN B 417 32.57 -62.40 37.67
N THR B 418 32.34 -61.09 37.80
CA THR B 418 31.70 -60.32 36.74
C THR B 418 32.63 -59.21 36.33
N ILE B 419 32.90 -59.07 35.03
CA ILE B 419 33.52 -57.81 34.63
C ILE B 419 32.47 -56.95 33.94
N LYS B 420 32.52 -55.66 34.24
CA LYS B 420 31.58 -54.73 33.65
C LYS B 420 32.31 -53.67 32.81
N ILE B 421 31.98 -53.65 31.50
CA ILE B 421 32.66 -52.78 30.56
C ILE B 421 31.73 -51.64 30.20
N ASP B 422 32.13 -50.42 30.54
CA ASP B 422 31.34 -49.20 30.38
C ASP B 422 31.69 -48.42 29.10
N GLY B 423 30.77 -47.53 28.69
CA GLY B 423 31.01 -46.52 27.68
C GLY B 423 31.14 -47.11 26.28
N LEU B 424 30.61 -48.31 26.02
CA LEU B 424 30.66 -48.85 24.68
C LEU B 424 29.67 -48.11 23.77
N PRO B 425 29.83 -48.19 22.44
CA PRO B 425 29.02 -47.38 21.51
C PRO B 425 27.60 -47.95 21.41
N LEU B 426 26.61 -47.06 21.34
CA LEU B 426 25.21 -47.41 21.36
C LEU B 426 24.87 -48.19 20.10
N ASP B 427 24.12 -49.29 20.26
CA ASP B 427 23.56 -50.08 19.17
C ASP B 427 24.60 -50.95 18.46
N SER B 428 25.74 -51.21 19.14
CA SER B 428 26.71 -52.16 18.64
C SER B 428 26.33 -53.57 19.08
N HIS B 429 27.04 -54.57 18.57
CA HIS B 429 26.73 -55.97 18.76
C HIS B 429 27.95 -56.65 19.34
N TYR B 430 27.75 -57.46 20.37
CA TYR B 430 28.81 -58.24 20.96
C TYR B 430 28.50 -59.72 20.71
N THR B 431 29.56 -60.55 20.67
CA THR B 431 29.49 -61.98 20.91
C THR B 431 30.57 -62.28 21.94
N VAL B 432 30.34 -63.27 22.82
CA VAL B 432 31.43 -63.75 23.67
C VAL B 432 31.68 -65.21 23.34
N GLU B 433 32.92 -65.67 23.54
CA GLU B 433 33.30 -67.04 23.27
C GLU B 433 34.45 -67.37 24.20
N GLU B 434 34.35 -68.50 24.92
CA GLU B 434 35.47 -68.98 25.70
C GLU B 434 36.52 -69.51 24.73
N GLU B 435 37.80 -69.28 25.05
CA GLU B 435 38.89 -69.81 24.23
C GLU B 435 38.94 -71.32 24.47
N THR B 436 39.16 -72.11 23.41
CA THR B 436 39.03 -73.56 23.48
C THR B 436 39.95 -74.23 24.50
N ASN B 437 41.10 -73.60 24.82
CA ASN B 437 42.01 -74.06 25.85
C ASN B 437 41.42 -73.94 27.25
N SER B 438 40.75 -72.83 27.57
CA SER B 438 40.12 -72.68 28.86
C SER B 438 39.02 -73.71 29.08
N SER B 439 38.37 -74.10 27.97
CA SER B 439 37.17 -74.92 27.96
C SER B 439 37.43 -76.42 28.10
N ARG B 440 38.69 -76.83 27.86
CA ARG B 440 39.09 -78.23 27.85
C ARG B 440 38.71 -78.93 29.17
N GLY B 441 37.81 -79.92 29.09
CA GLY B 441 37.39 -80.72 30.23
C GLY B 441 35.97 -80.41 30.72
N TYR B 442 35.56 -79.15 30.48
CA TYR B 442 34.28 -78.59 30.90
C TYR B 442 33.30 -78.53 29.73
N GLN B 443 32.01 -78.71 30.05
CA GLN B 443 30.94 -78.34 29.14
C GLN B 443 30.62 -76.85 29.35
N VAL B 444 30.75 -76.08 28.26
CA VAL B 444 30.48 -74.63 28.25
C VAL B 444 29.11 -74.40 27.65
N SER B 445 28.25 -73.70 28.39
CA SER B 445 27.13 -73.02 27.76
C SER B 445 27.05 -71.54 28.19
N TYR B 446 26.20 -70.81 27.45
CA TYR B 446 26.16 -69.37 27.49
C TYR B 446 24.74 -68.86 27.76
N GLU B 447 24.62 -67.84 28.61
CA GLU B 447 23.44 -67.00 28.56
C GLU B 447 23.79 -65.73 27.78
N ASN B 448 23.01 -65.41 26.75
CA ASN B 448 23.13 -64.17 26.00
C ASN B 448 24.50 -64.05 25.33
N GLN B 449 24.90 -65.11 24.60
CA GLN B 449 26.21 -65.13 23.95
C GLN B 449 26.39 -64.00 22.94
N GLU B 450 25.40 -63.77 22.08
CA GLU B 450 25.39 -62.64 21.18
C GLU B 450 24.35 -61.65 21.71
N GLY B 451 24.37 -60.39 21.28
CA GLY B 451 23.39 -59.43 21.76
C GLY B 451 23.65 -58.02 21.24
N LYS B 452 22.62 -57.16 21.38
CA LYS B 452 22.64 -55.79 20.91
C LYS B 452 22.77 -54.82 22.09
N LEU B 453 23.75 -53.89 22.01
CA LEU B 453 23.99 -52.98 23.10
C LEU B 453 23.09 -51.75 22.97
N ASP B 454 21.80 -51.95 23.31
CA ASP B 454 20.77 -50.92 23.31
C ASP B 454 20.52 -50.47 24.75
N GLY B 455 21.14 -51.13 25.71
CA GLY B 455 21.15 -50.74 27.11
C GLY B 455 22.21 -51.60 27.77
N ASP B 456 22.23 -51.69 29.09
CA ASP B 456 23.23 -52.53 29.74
C ASP B 456 22.94 -54.02 29.56
N LYS B 457 23.93 -54.78 29.08
CA LYS B 457 23.65 -56.17 28.79
C LYS B 457 24.49 -57.09 29.67
N SER B 458 24.00 -58.33 29.79
CA SER B 458 24.70 -59.32 30.59
C SER B 458 24.76 -60.60 29.82
N ALA B 459 25.98 -61.14 29.75
CA ALA B 459 26.22 -62.45 29.21
C ALA B 459 26.86 -63.29 30.30
N THR B 460 26.56 -64.61 30.28
CA THR B 460 27.07 -65.55 31.27
C THR B 460 27.66 -66.74 30.55
N VAL B 461 28.84 -67.12 31.02
CA VAL B 461 29.52 -68.32 30.57
C VAL B 461 29.53 -69.30 31.73
N THR B 462 28.89 -70.46 31.57
CA THR B 462 28.93 -71.47 32.62
C THR B 462 29.74 -72.66 32.14
N ASN B 463 30.72 -73.03 32.95
CA ASN B 463 31.59 -74.18 32.69
C ASN B 463 31.20 -75.30 33.64
N ASN B 464 30.70 -76.41 33.10
CA ASN B 464 30.38 -77.61 33.88
C ASN B 464 31.47 -78.66 33.73
N LYS B 465 32.15 -79.07 34.82
CA LYS B 465 33.13 -80.16 34.83
C LYS B 465 32.57 -81.46 34.21
N ASN B 466 33.33 -82.09 33.28
CA ASN B 466 32.86 -83.08 32.32
C ASN B 466 32.11 -82.39 31.17
N GLU C 1 24.98 -66.07 3.97
CA GLU C 1 23.96 -65.01 3.68
C GLU C 1 23.99 -64.60 2.21
N PRO C 2 22.90 -64.83 1.45
CA PRO C 2 22.79 -64.30 0.08
C PRO C 2 23.18 -62.83 -0.17
N GLN C 3 23.67 -62.60 -1.38
CA GLN C 3 24.09 -61.29 -1.83
C GLN C 3 22.84 -60.54 -2.28
N THR C 4 22.71 -59.27 -1.87
CA THR C 4 21.59 -58.46 -2.29
C THR C 4 22.14 -57.19 -2.94
N THR C 5 21.48 -56.72 -3.99
CA THR C 5 21.79 -55.38 -4.48
C THR C 5 20.54 -54.49 -4.42
N LEU C 6 20.77 -53.19 -4.32
CA LEU C 6 19.76 -52.17 -4.02
C LEU C 6 19.91 -50.99 -4.97
N HIS C 7 18.83 -50.61 -5.65
CA HIS C 7 18.84 -49.47 -6.54
C HIS C 7 17.59 -48.66 -6.30
N LYS C 8 17.79 -47.35 -6.21
CA LYS C 8 16.74 -46.36 -6.05
C LYS C 8 16.85 -45.30 -7.15
N THR C 9 15.78 -45.12 -7.95
CA THR C 9 15.72 -44.06 -8.95
C THR C 9 14.47 -43.20 -8.73
N ILE C 10 14.46 -41.96 -9.23
CA ILE C 10 13.21 -41.21 -9.36
C ILE C 10 13.06 -40.85 -10.84
N THR C 11 11.84 -40.88 -11.41
CA THR C 11 11.77 -40.58 -12.85
C THR C 11 10.60 -39.62 -13.10
N PRO C 12 10.79 -38.43 -13.72
CA PRO C 12 9.64 -37.59 -14.10
C PRO C 12 8.67 -38.41 -14.92
N ILE C 13 7.38 -38.25 -14.64
CA ILE C 13 6.34 -38.95 -15.35
C ILE C 13 6.03 -38.09 -16.57
N SER C 14 6.40 -38.65 -17.71
CA SER C 14 6.10 -38.17 -19.05
C SER C 14 4.77 -37.43 -19.08
N GLY C 15 4.85 -36.16 -19.48
CA GLY C 15 3.67 -35.41 -19.87
C GLY C 15 3.06 -34.62 -18.74
N GLN C 16 3.37 -34.98 -17.49
CA GLN C 16 2.66 -34.37 -16.38
C GLN C 16 3.62 -33.53 -15.53
N ASP C 17 3.24 -32.29 -15.27
CA ASP C 17 3.98 -31.38 -14.44
C ASP C 17 4.07 -31.96 -13.03
N ASP C 18 5.26 -31.87 -12.42
CA ASP C 18 5.43 -32.06 -10.97
C ASP C 18 5.05 -33.45 -10.47
N LYS C 19 4.99 -34.47 -11.34
CA LYS C 19 4.77 -35.82 -10.84
C LYS C 19 5.98 -36.69 -11.19
N TYR C 20 6.35 -37.59 -10.26
CA TYR C 20 7.54 -38.42 -10.39
C TYR C 20 7.22 -39.82 -9.85
N GLU C 21 7.81 -40.84 -10.47
CA GLU C 21 7.74 -42.18 -9.91
C GLU C 21 9.05 -42.52 -9.17
N LEU C 22 8.89 -42.93 -7.91
CA LEU C 22 9.99 -43.45 -7.15
C LEU C 22 10.07 -44.95 -7.35
N SER C 23 11.30 -45.46 -7.34
CA SER C 23 11.52 -46.86 -7.65
C SER C 23 12.62 -47.37 -6.71
N LEU C 24 12.25 -48.19 -5.73
CA LEU C 24 13.22 -48.75 -4.78
C LEU C 24 13.25 -50.26 -4.92
N ASP C 25 14.43 -50.83 -5.25
CA ASP C 25 14.41 -52.24 -5.61
C ASP C 25 15.34 -53.05 -4.68
N ILE C 26 15.17 -54.37 -4.65
CA ILE C 26 16.08 -55.32 -4.01
C ILE C 26 16.17 -56.56 -4.89
N THR C 27 17.36 -57.15 -5.05
CA THR C 27 17.50 -58.45 -5.70
C THR C 27 18.40 -59.32 -4.84
N SER C 28 18.03 -60.61 -4.69
CA SER C 28 18.87 -61.54 -3.97
C SER C 28 19.54 -62.54 -4.94
N LYS C 29 20.73 -63.04 -4.58
CA LYS C 29 21.52 -64.03 -5.29
C LYS C 29 22.10 -65.09 -4.35
N LEU C 30 22.11 -66.36 -4.75
CA LEU C 30 22.75 -67.43 -4.00
C LEU C 30 24.11 -67.78 -4.62
N GLY D 1 16.89 -68.49 0.58
CA GLY D 1 16.54 -67.10 0.24
C GLY D 1 16.23 -66.25 1.48
N ILE D 2 16.09 -64.92 1.27
CA ILE D 2 15.98 -63.93 2.34
C ILE D 2 14.51 -63.66 2.63
N HIS D 3 14.19 -63.23 3.86
CA HIS D 3 12.80 -63.14 4.30
C HIS D 3 12.64 -62.03 5.32
N HIS D 4 11.41 -61.90 5.85
CA HIS D 4 11.07 -60.81 6.76
C HIS D 4 11.45 -59.49 6.11
N VAL D 5 11.12 -59.36 4.83
CA VAL D 5 11.71 -58.28 4.04
C VAL D 5 10.87 -57.03 4.22
N SER D 6 11.50 -55.87 4.27
CA SER D 6 10.66 -54.69 4.24
C SER D 6 11.48 -53.57 3.59
N ILE D 7 10.82 -52.63 2.89
CA ILE D 7 11.46 -51.59 2.09
C ILE D 7 10.90 -50.27 2.58
N LYS D 8 11.79 -49.31 2.85
CA LYS D 8 11.47 -48.12 3.63
C LYS D 8 12.00 -46.89 2.87
N ASP D 9 11.18 -45.84 2.71
CA ASP D 9 11.68 -44.58 2.18
C ASP D 9 11.09 -43.42 2.97
N VAL D 10 11.96 -42.47 3.33
CA VAL D 10 11.53 -41.24 3.99
C VAL D 10 11.53 -40.11 2.96
N LEU D 11 10.35 -39.55 2.69
CA LEU D 11 10.23 -38.50 1.68
C LEU D 11 10.79 -37.22 2.27
N SER D 12 11.52 -36.46 1.46
CA SER D 12 12.01 -35.19 1.98
C SER D 12 10.84 -34.20 1.97
N LYS D 13 11.03 -33.01 2.56
CA LYS D 13 9.94 -32.07 2.69
C LYS D 13 9.50 -31.50 1.34
N TYR D 14 10.21 -31.87 0.27
CA TYR D 14 10.00 -31.34 -1.08
C TYR D 14 9.10 -32.24 -1.93
N VAL D 15 8.68 -33.40 -1.45
CA VAL D 15 7.69 -34.20 -2.17
C VAL D 15 6.66 -34.73 -1.18
N GLN D 16 5.51 -35.17 -1.70
CA GLN D 16 4.45 -35.73 -0.87
C GLN D 16 3.66 -36.75 -1.68
N LEU D 17 2.89 -37.58 -0.99
CA LEU D 17 2.11 -38.57 -1.71
C LEU D 17 0.93 -37.90 -2.38
N LEU D 18 0.22 -38.66 -3.21
CA LEU D 18 -0.96 -38.16 -3.89
C LEU D 18 -2.17 -38.50 -3.03
N PRO D 19 -3.27 -37.72 -3.10
CA PRO D 19 -4.47 -37.98 -2.30
C PRO D 19 -5.10 -39.34 -2.60
N ASN D 20 -5.73 -40.00 -1.59
CA ASN D 20 -6.59 -41.15 -1.80
C ASN D 20 -5.87 -42.37 -2.39
N GLY D 21 -4.67 -42.68 -1.89
CA GLY D 21 -3.82 -43.73 -2.45
C GLY D 21 -3.74 -43.72 -3.99
N SER D 22 -3.81 -42.52 -4.63
CA SER D 22 -3.47 -42.33 -6.04
C SER D 22 -1.99 -42.62 -6.28
N SER D 23 -1.15 -42.55 -5.22
CA SER D 23 0.27 -42.90 -5.27
C SER D 23 0.50 -44.31 -5.87
N GLU D 24 -0.47 -45.21 -5.72
CA GLU D 24 -0.53 -46.52 -6.36
C GLU D 24 0.67 -47.36 -5.96
N PHE D 25 0.78 -47.55 -4.66
CA PHE D 25 1.84 -48.39 -4.16
C PHE D 25 1.71 -49.77 -4.78
N ARG D 26 2.82 -50.30 -5.31
CA ARG D 26 2.86 -51.66 -5.79
C ARG D 26 4.29 -52.16 -5.66
N VAL D 27 4.43 -53.47 -5.52
CA VAL D 27 5.74 -54.10 -5.66
C VAL D 27 5.64 -55.05 -6.85
N VAL D 28 6.55 -54.88 -7.83
CA VAL D 28 6.60 -55.74 -8.99
C VAL D 28 7.75 -56.73 -8.79
N LYS D 29 7.48 -58.02 -9.06
CA LYS D 29 8.48 -59.05 -9.17
C LYS D 29 8.83 -59.26 -10.64
N GLU D 30 10.09 -58.96 -11.01
CA GLU D 30 10.63 -59.02 -12.37
C GLU D 30 11.67 -60.11 -12.47
N LYS D 31 11.53 -60.95 -13.51
CA LYS D 31 12.34 -62.13 -13.79
C LYS D 31 12.01 -62.53 -15.23
N ASP D 32 13.02 -62.66 -16.11
CA ASP D 32 12.87 -63.28 -17.43
C ASP D 32 11.92 -62.47 -18.31
N GLY D 33 11.97 -61.14 -18.20
CA GLY D 33 11.17 -60.29 -19.06
C GLY D 33 9.73 -60.20 -18.58
N SER D 34 9.36 -61.07 -17.64
CA SER D 34 8.01 -61.24 -17.14
C SER D 34 7.84 -60.41 -15.85
N SER D 35 6.70 -59.70 -15.71
CA SER D 35 6.44 -58.84 -14.57
C SER D 35 5.15 -59.22 -13.86
N GLU D 36 5.22 -59.28 -12.53
CA GLU D 36 4.06 -59.70 -11.76
C GLU D 36 3.91 -58.74 -10.60
N ILE D 37 2.68 -58.34 -10.26
CA ILE D 37 2.40 -57.42 -9.18
C ILE D 37 1.96 -58.25 -7.97
N LEU D 38 2.67 -58.08 -6.84
CA LEU D 38 2.41 -58.87 -5.65
C LEU D 38 1.06 -58.45 -5.07
N THR D 39 0.34 -59.41 -4.44
CA THR D 39 -0.97 -59.20 -3.81
C THR D 39 -0.81 -58.65 -2.39
N GLU D 40 -1.91 -58.45 -1.68
CA GLU D 40 -1.84 -58.11 -0.25
C GLU D 40 -1.44 -59.31 0.61
N ASN D 41 -1.54 -60.54 0.11
CA ASN D 41 -1.04 -61.71 0.84
C ASN D 41 0.48 -61.78 0.81
N GLN D 42 1.11 -60.86 0.05
CA GLN D 42 2.53 -60.92 -0.19
C GLN D 42 3.18 -59.63 0.31
N VAL D 43 2.46 -58.50 0.29
CA VAL D 43 3.05 -57.24 0.70
C VAL D 43 1.93 -56.28 1.13
N THR D 44 2.26 -55.37 2.04
CA THR D 44 1.33 -54.40 2.60
C THR D 44 2.07 -53.07 2.71
N PHE D 45 1.35 -51.94 2.67
CA PHE D 45 1.94 -50.61 2.61
C PHE D 45 1.44 -49.69 3.73
N ASP D 46 2.35 -48.88 4.28
CA ASP D 46 2.13 -48.06 5.45
C ASP D 46 2.77 -46.68 5.35
N THR D 47 2.03 -45.66 5.76
CA THR D 47 2.55 -44.34 6.08
C THR D 47 2.68 -44.25 7.61
N LYS D 48 3.80 -43.74 8.13
CA LYS D 48 3.90 -43.20 9.48
C LYS D 48 4.59 -41.84 9.37
N THR D 49 4.41 -40.94 10.34
CA THR D 49 5.21 -39.72 10.39
C THR D 49 6.42 -39.98 11.30
N THR D 50 7.63 -39.61 10.87
CA THR D 50 8.81 -39.71 11.71
C THR D 50 8.75 -38.59 12.75
N SER D 51 9.68 -38.62 13.72
CA SER D 51 9.75 -37.61 14.76
C SER D 51 10.15 -36.24 14.19
N GLU D 52 10.82 -36.26 13.03
CA GLU D 52 11.27 -35.06 12.33
C GLU D 52 10.14 -34.47 11.50
N GLY D 53 8.97 -35.12 11.55
CA GLY D 53 7.78 -34.66 10.85
C GLY D 53 7.78 -35.01 9.36
N LEU D 54 8.64 -35.95 8.95
CA LEU D 54 8.73 -36.37 7.56
C LEU D 54 7.92 -37.64 7.37
N VAL D 55 7.37 -37.83 6.17
CA VAL D 55 6.52 -38.97 5.86
C VAL D 55 7.39 -40.18 5.53
N GLU D 56 7.11 -41.33 6.17
CA GLU D 56 7.92 -42.53 5.91
C GLU D 56 7.00 -43.60 5.33
N VAL D 57 7.43 -44.23 4.24
CA VAL D 57 6.63 -45.19 3.49
C VAL D 57 7.32 -46.55 3.59
N THR D 58 6.55 -47.56 4.02
CA THR D 58 7.10 -48.90 4.13
C THR D 58 6.28 -49.88 3.31
N ALA D 59 6.97 -50.76 2.58
CA ALA D 59 6.34 -51.93 2.01
C ALA D 59 6.80 -53.11 2.86
N LYS D 60 5.89 -53.67 3.65
CA LYS D 60 6.20 -54.83 4.46
C LYS D 60 5.75 -56.09 3.72
N PHE D 61 6.72 -56.92 3.36
CA PHE D 61 6.42 -58.23 2.81
C PHE D 61 5.83 -59.09 3.90
N SER D 62 4.85 -59.94 3.53
CA SER D 62 4.51 -61.09 4.35
C SER D 62 5.76 -61.71 4.94
N PRO D 63 5.89 -61.76 6.29
CA PRO D 63 7.16 -62.15 6.92
C PRO D 63 7.75 -63.49 6.47
N ASN D 64 6.89 -64.47 6.14
CA ASN D 64 7.41 -65.76 5.70
C ASN D 64 7.75 -65.78 4.21
N TYR D 65 7.49 -64.66 3.48
CA TYR D 65 7.78 -64.58 2.06
C TYR D 65 9.28 -64.50 1.85
N SER D 66 9.82 -65.49 1.11
CA SER D 66 11.21 -65.50 0.71
C SER D 66 11.37 -64.98 -0.72
N LEU D 67 12.31 -64.05 -0.92
CA LEU D 67 12.50 -63.50 -2.25
C LEU D 67 13.04 -64.59 -3.17
N GLU D 68 12.41 -64.75 -4.34
CA GLU D 68 12.89 -65.71 -5.32
C GLU D 68 14.25 -65.24 -5.84
N ASP D 69 15.12 -66.24 -6.01
CA ASP D 69 16.52 -66.06 -6.32
C ASP D 69 16.66 -65.46 -7.72
N GLY D 70 17.39 -64.33 -7.82
CA GLY D 70 17.66 -63.72 -9.12
C GLY D 70 16.49 -62.87 -9.61
N ALA D 71 15.45 -62.74 -8.79
CA ALA D 71 14.32 -61.92 -9.18
C ALA D 71 14.51 -60.54 -8.57
N ARG D 72 14.16 -59.51 -9.36
CA ARG D 72 14.21 -58.11 -8.98
C ARG D 72 12.87 -57.70 -8.37
N TYR D 73 12.85 -57.27 -7.09
CA TYR D 73 11.61 -56.79 -6.49
C TYR D 73 11.72 -55.28 -6.40
N VAL D 74 10.71 -54.57 -6.91
CA VAL D 74 10.83 -53.13 -7.04
C VAL D 74 9.54 -52.49 -6.55
N LEU D 75 9.70 -51.71 -5.46
CA LEU D 75 8.64 -50.87 -4.91
C LEU D 75 8.48 -49.64 -5.84
N LYS D 76 7.26 -49.34 -6.27
CA LYS D 76 7.07 -48.15 -7.08
C LYS D 76 5.85 -47.39 -6.55
N PHE D 77 5.86 -46.06 -6.68
CA PHE D 77 4.74 -45.21 -6.30
C PHE D 77 5.05 -43.80 -6.77
N THR D 78 4.02 -42.95 -6.82
CA THR D 78 4.17 -41.64 -7.43
C THR D 78 4.18 -40.59 -6.34
N VAL D 79 5.06 -39.61 -6.44
CA VAL D 79 4.96 -38.43 -5.57
C VAL D 79 4.76 -37.18 -6.43
N THR D 80 4.42 -36.07 -5.78
CA THR D 80 4.34 -34.78 -6.46
C THR D 80 5.17 -33.77 -5.69
N SER D 81 5.67 -32.73 -6.39
CA SER D 81 6.33 -31.58 -5.81
C SER D 81 5.48 -31.02 -4.67
N SER D 82 6.07 -30.76 -3.50
CA SER D 82 5.36 -30.13 -2.40
C SER D 82 5.34 -28.62 -2.65
N GLN D 83 4.56 -27.87 -1.85
CA GLN D 83 4.56 -26.42 -1.95
C GLN D 83 5.94 -25.86 -1.60
N GLU D 84 6.69 -26.54 -0.70
CA GLU D 84 8.06 -26.18 -0.39
C GLU D 84 8.90 -26.12 -1.67
N ALA D 85 8.66 -27.07 -2.56
CA ALA D 85 9.46 -27.25 -3.75
C ALA D 85 9.06 -26.21 -4.80
N LEU D 86 7.74 -25.93 -4.88
CA LEU D 86 7.24 -24.92 -5.79
C LEU D 86 7.76 -23.55 -5.37
N ASP D 87 7.80 -23.29 -4.06
CA ASP D 87 8.35 -22.05 -3.52
C ASP D 87 9.86 -22.00 -3.79
N ALA D 88 10.54 -23.13 -3.56
CA ALA D 88 11.98 -23.21 -3.74
C ALA D 88 12.40 -22.83 -5.16
N ILE D 89 11.73 -23.37 -6.17
CA ILE D 89 12.14 -23.12 -7.54
C ILE D 89 11.77 -21.71 -7.99
N ALA D 90 10.73 -21.14 -7.41
CA ALA D 90 10.38 -19.75 -7.63
C ALA D 90 11.44 -18.84 -7.02
N GLY D 91 12.21 -19.35 -6.08
CA GLY D 91 13.27 -18.54 -5.49
C GLY D 91 12.86 -17.97 -4.12
N ASP D 92 11.74 -18.46 -3.56
CA ASP D 92 11.14 -17.85 -2.39
C ASP D 92 11.62 -18.50 -1.09
N LYS D 93 12.30 -19.64 -1.19
CA LYS D 93 12.89 -20.29 -0.03
C LYS D 93 14.37 -20.54 -0.33
N LYS D 94 15.25 -20.18 0.62
CA LYS D 94 16.67 -20.48 0.57
C LYS D 94 16.87 -21.97 0.82
N LEU D 95 17.87 -22.56 0.19
CA LEU D 95 18.24 -23.93 0.52
C LEU D 95 19.26 -23.94 1.67
N GLU D 96 19.11 -24.91 2.57
CA GLU D 96 20.21 -25.21 3.46
C GLU D 96 20.87 -26.50 2.97
N ALA D 97 22.08 -26.78 3.49
CA ALA D 97 22.82 -27.99 3.18
C ALA D 97 21.94 -29.19 3.49
N GLY D 98 22.07 -30.24 2.67
CA GLY D 98 21.33 -31.47 2.88
C GLY D 98 20.05 -31.50 2.03
N ASP D 99 19.67 -30.34 1.46
CA ASP D 99 18.40 -30.16 0.76
C ASP D 99 18.51 -30.64 -0.69
N ALA D 100 19.56 -30.22 -1.40
CA ALA D 100 19.67 -30.47 -2.84
C ALA D 100 21.13 -30.72 -3.19
N GLU D 101 21.37 -31.52 -4.24
CA GLU D 101 22.72 -31.84 -4.65
C GLU D 101 23.42 -30.58 -5.13
N GLY D 102 24.51 -30.24 -4.45
CA GLY D 102 25.30 -29.06 -4.78
C GLY D 102 24.51 -27.76 -4.63
N SER D 103 23.52 -27.73 -3.71
CA SER D 103 22.65 -26.58 -3.48
C SER D 103 21.97 -26.07 -4.76
N ASP D 104 21.75 -26.97 -5.72
CA ASP D 104 21.08 -26.65 -6.97
C ASP D 104 19.59 -26.97 -6.82
N VAL D 105 18.79 -25.91 -6.98
CA VAL D 105 17.34 -25.99 -6.87
C VAL D 105 16.76 -26.99 -7.88
N ASN D 106 17.50 -27.24 -8.98
CA ASN D 106 17.06 -28.19 -9.99
C ASN D 106 17.42 -29.63 -9.62
N LYS D 107 18.06 -29.82 -8.45
CA LYS D 107 18.38 -31.17 -8.01
C LYS D 107 18.00 -31.36 -6.53
N LEU D 108 16.73 -31.15 -6.17
CA LEU D 108 16.29 -31.43 -4.81
C LEU D 108 16.37 -32.95 -4.57
N TYR D 109 16.77 -33.34 -3.35
CA TYR D 109 16.71 -34.75 -3.01
C TYR D 109 15.27 -35.13 -2.69
N SER D 110 14.83 -36.29 -3.22
CA SER D 110 13.49 -36.78 -2.99
C SER D 110 13.39 -37.53 -1.69
N ASN D 111 14.54 -38.01 -1.17
CA ASN D 111 14.59 -38.84 0.02
C ASN D 111 15.42 -38.20 1.13
N LYS D 112 15.03 -38.50 2.37
CA LYS D 112 15.89 -38.23 3.50
C LYS D 112 16.21 -39.59 4.14
N GLY D 113 16.86 -40.47 3.39
CA GLY D 113 17.14 -41.82 3.88
C GLY D 113 16.16 -42.84 3.29
N ALA D 114 16.69 -43.99 2.88
CA ALA D 114 15.88 -45.08 2.37
C ALA D 114 16.65 -46.38 2.56
N SER D 115 15.96 -47.48 2.87
CA SER D 115 16.67 -48.66 3.32
C SER D 115 15.81 -49.89 3.13
N VAL D 116 16.45 -51.06 3.26
CA VAL D 116 15.77 -52.35 3.27
C VAL D 116 16.24 -53.08 4.53
N THR D 117 15.31 -53.71 5.27
CA THR D 117 15.60 -54.68 6.32
C THR D 117 15.15 -56.08 5.91
N TYR D 118 15.94 -57.09 6.30
CA TYR D 118 15.64 -58.48 5.98
C TYR D 118 16.42 -59.45 6.87
N SER D 119 15.93 -60.70 6.89
CA SER D 119 16.49 -61.79 7.67
C SER D 119 16.82 -62.99 6.77
N TYR D 120 17.54 -63.96 7.35
CA TYR D 120 17.84 -65.29 6.84
C TYR D 120 18.29 -66.17 8.02
N GLN D 126 18.99 -63.16 9.80
CA GLN D 126 19.44 -62.15 10.81
C GLN D 126 19.26 -60.74 10.25
N THR D 127 18.69 -59.84 11.07
CA THR D 127 18.43 -58.47 10.64
C THR D 127 19.67 -57.80 10.05
N LYS D 128 19.55 -57.41 8.76
CA LYS D 128 20.53 -56.60 8.06
C LYS D 128 19.74 -55.44 7.47
N THR D 129 19.95 -54.23 8.00
CA THR D 129 19.47 -53.00 7.38
C THR D 129 20.57 -52.43 6.48
N LYS D 130 20.31 -52.38 5.15
CA LYS D 130 21.16 -51.69 4.19
C LYS D 130 20.47 -50.39 3.75
N GLU D 131 21.20 -49.27 3.87
CA GLU D 131 20.82 -48.00 3.28
C GLU D 131 21.07 -48.07 1.77
N TYR D 132 20.14 -47.48 0.98
CA TYR D 132 20.32 -47.30 -0.45
C TYR D 132 21.45 -46.28 -0.64
N SER D 133 22.45 -46.57 -1.48
CA SER D 133 23.47 -45.55 -1.64
C SER D 133 23.07 -44.45 -2.65
N ASP D 134 22.14 -44.75 -3.56
CA ASP D 134 21.63 -43.76 -4.50
C ASP D 134 20.83 -42.71 -3.74
N ASN D 135 21.01 -41.47 -4.13
CA ASN D 135 20.33 -40.36 -3.47
C ASN D 135 19.63 -39.53 -4.54
N PRO D 136 18.49 -39.98 -5.11
CA PRO D 136 17.96 -39.40 -6.34
C PRO D 136 17.50 -37.96 -6.19
N THR D 137 17.48 -37.21 -7.28
CA THR D 137 17.15 -35.82 -7.21
C THR D 137 16.13 -35.54 -8.30
N PHE D 138 15.50 -34.37 -8.23
CA PHE D 138 14.53 -34.03 -9.23
C PHE D 138 14.49 -32.52 -9.37
N LYS D 139 13.91 -32.08 -10.50
CA LYS D 139 13.63 -30.68 -10.77
C LYS D 139 12.12 -30.46 -10.67
N PRO D 140 11.60 -29.56 -9.81
CA PRO D 140 10.19 -29.13 -9.93
C PRO D 140 9.94 -28.52 -11.31
N SER D 141 8.65 -28.44 -11.68
CA SER D 141 8.25 -27.77 -12.92
C SER D 141 8.68 -26.31 -12.86
N ASP D 142 8.90 -25.69 -14.01
CA ASP D 142 9.27 -24.29 -14.07
C ASP D 142 8.23 -23.45 -13.34
N PRO D 143 8.65 -22.39 -12.61
CA PRO D 143 7.68 -21.45 -12.07
C PRO D 143 6.97 -20.72 -13.21
N LEU D 144 5.85 -20.05 -12.91
CA LEU D 144 5.09 -19.29 -13.87
C LEU D 144 5.87 -18.04 -14.25
N THR D 145 5.68 -17.66 -15.52
CA THR D 145 5.92 -16.29 -15.91
C THR D 145 4.54 -15.65 -16.09
N VAL D 146 4.32 -14.47 -15.48
CA VAL D 146 2.98 -13.86 -15.46
C VAL D 146 3.05 -12.58 -16.27
N PRO D 147 2.52 -12.58 -17.52
CA PRO D 147 2.58 -11.40 -18.38
C PRO D 147 1.67 -10.29 -17.87
N VAL D 148 2.07 -9.02 -18.06
CA VAL D 148 1.23 -7.90 -17.68
C VAL D 148 1.25 -6.86 -18.80
N GLU D 149 0.05 -6.47 -19.28
CA GLU D 149 -0.07 -5.50 -20.38
C GLU D 149 -0.74 -4.22 -19.91
N VAL D 150 -0.22 -3.07 -20.35
CA VAL D 150 -0.85 -1.78 -20.08
C VAL D 150 -1.32 -1.17 -21.40
N GLU D 151 -2.60 -0.78 -21.46
CA GLU D 151 -3.13 -0.07 -22.61
C GLU D 151 -3.62 1.31 -22.16
N TRP D 152 -3.22 2.37 -22.87
CA TRP D 152 -3.79 3.71 -22.70
C TRP D 152 -4.79 3.99 -23.80
N GLN D 153 -5.97 4.48 -23.40
CA GLN D 153 -7.02 4.89 -24.31
C GLN D 153 -7.34 6.37 -24.11
N GLY D 154 -7.66 7.02 -25.23
CA GLY D 154 -8.23 8.36 -25.21
C GLY D 154 -9.67 8.29 -24.71
N VAL D 155 -10.32 9.44 -24.65
CA VAL D 155 -11.65 9.60 -24.08
C VAL D 155 -12.66 8.66 -24.75
N THR D 156 -12.53 8.46 -26.07
CA THR D 156 -13.54 7.81 -26.91
C THR D 156 -13.19 6.35 -27.24
N GLY D 157 -12.14 5.81 -26.60
CA GLY D 157 -11.81 4.40 -26.75
C GLY D 157 -10.37 4.19 -27.21
N ALA D 158 -10.10 3.00 -27.75
CA ALA D 158 -8.77 2.53 -28.11
C ALA D 158 -8.21 3.28 -29.32
N ARG D 159 -6.94 3.69 -29.19
CA ARG D 159 -6.15 4.46 -30.15
C ARG D 159 -6.84 5.74 -30.61
N THR D 160 -7.64 6.34 -29.74
CA THR D 160 -8.07 7.71 -29.90
C THR D 160 -7.06 8.59 -29.17
N VAL D 161 -6.78 9.78 -29.71
CA VAL D 161 -5.69 10.63 -29.24
C VAL D 161 -5.84 10.92 -27.74
N ILE D 162 -4.72 10.90 -26.99
CA ILE D 162 -4.71 11.25 -25.57
C ILE D 162 -4.24 12.69 -25.44
N THR D 163 -4.93 13.48 -24.59
CA THR D 163 -4.61 14.88 -24.38
C THR D 163 -4.18 15.16 -22.93
N ALA D 164 -4.50 14.27 -22.00
CA ALA D 164 -4.16 14.46 -20.59
C ALA D 164 -2.70 14.12 -20.36
N ASP D 165 -2.08 14.78 -19.37
CA ASP D 165 -0.77 14.39 -18.85
C ASP D 165 -0.78 12.94 -18.40
N GLN D 166 0.28 12.19 -18.76
CA GLN D 166 0.52 10.83 -18.29
C GLN D 166 1.84 10.82 -17.51
N PRO D 167 2.08 9.92 -16.53
CA PRO D 167 3.40 9.81 -15.90
C PRO D 167 4.38 9.11 -16.86
N SER D 168 5.69 9.10 -16.56
CA SER D 168 6.63 8.53 -17.52
C SER D 168 6.78 7.02 -17.34
N ASN D 169 6.36 6.50 -16.18
CA ASN D 169 6.21 5.06 -16.03
C ASN D 169 5.17 4.78 -14.94
N VAL D 170 4.77 3.50 -14.82
CA VAL D 170 3.89 3.02 -13.76
C VAL D 170 4.44 1.74 -13.15
N GLU D 171 4.33 1.64 -11.82
CA GLU D 171 4.84 0.51 -11.08
C GLU D 171 3.66 -0.43 -10.86
N LEU D 172 3.80 -1.66 -11.36
CA LEU D 172 2.81 -2.70 -11.13
C LEU D 172 3.34 -3.70 -10.11
N LYS D 173 2.45 -4.21 -9.23
CA LYS D 173 2.84 -5.17 -8.22
C LYS D 173 1.94 -6.40 -8.34
N LEU D 174 2.55 -7.60 -8.34
CA LEU D 174 1.82 -8.86 -8.28
C LEU D 174 1.63 -9.21 -6.81
N VAL D 175 0.39 -9.50 -6.41
CA VAL D 175 0.05 -9.83 -5.04
C VAL D 175 -0.17 -11.34 -4.99
N GLN D 176 0.54 -11.98 -4.06
CA GLN D 176 0.38 -13.39 -3.85
C GLN D 176 -0.57 -13.53 -2.69
N LYS D 177 -1.78 -14.05 -2.95
CA LYS D 177 -2.80 -14.19 -1.93
C LYS D 177 -2.40 -15.29 -0.95
N ASN D 178 -2.41 -14.96 0.34
CA ASN D 178 -2.10 -15.91 1.39
C ASN D 178 -3.19 -16.97 1.43
N LYS D 179 -2.80 -18.23 1.65
CA LYS D 179 -3.76 -19.32 1.74
C LYS D 179 -3.64 -20.07 3.06
N ASN D 180 -3.04 -19.47 4.11
CA ASN D 180 -2.81 -20.11 5.41
C ASN D 180 -3.49 -19.37 6.56
N GLY D 181 -3.86 -18.11 6.33
CA GLY D 181 -4.52 -17.34 7.36
C GLY D 181 -3.69 -16.15 7.81
N GLY D 182 -2.49 -15.99 7.23
CA GLY D 182 -1.77 -14.73 7.26
C GLY D 182 -2.43 -13.74 6.29
N SER D 183 -1.78 -12.60 6.08
CA SER D 183 -2.28 -11.68 5.06
C SER D 183 -1.50 -11.86 3.75
N ASP D 184 -2.02 -11.23 2.71
CA ASP D 184 -1.46 -11.33 1.38
C ASP D 184 -0.10 -10.64 1.32
N ASN D 185 0.66 -11.00 0.29
CA ASN D 185 1.94 -10.39 -0.02
C ASN D 185 1.79 -9.45 -1.22
N GLN D 186 1.79 -8.16 -0.94
CA GLN D 186 1.41 -7.17 -1.94
C GLN D 186 2.64 -6.59 -2.63
N ASP D 187 3.82 -7.10 -2.28
CA ASP D 187 5.00 -6.74 -3.03
C ASP D 187 5.71 -7.99 -3.52
N TYR D 188 4.94 -9.03 -3.88
CA TYR D 188 5.57 -10.30 -4.21
C TYR D 188 6.46 -10.17 -5.44
N ARG D 189 5.97 -9.51 -6.50
CA ARG D 189 6.83 -9.14 -7.61
C ARG D 189 6.46 -7.71 -8.01
N LYS D 190 7.42 -6.98 -8.60
CA LYS D 190 7.18 -5.62 -9.03
C LYS D 190 7.79 -5.46 -10.41
N THR D 191 7.21 -4.59 -11.24
CA THR D 191 7.83 -4.23 -12.51
C THR D 191 7.53 -2.77 -12.82
N ASN D 192 8.42 -2.11 -13.56
CA ASN D 192 8.14 -0.80 -14.07
C ASN D 192 7.81 -0.91 -15.55
N VAL D 193 6.60 -0.48 -15.90
CA VAL D 193 6.28 -0.32 -17.30
C VAL D 193 6.54 1.12 -17.69
N ASN D 194 7.24 1.30 -18.80
CA ASN D 194 7.44 2.59 -19.42
C ASN D 194 6.08 3.15 -19.91
N VAL D 195 5.97 4.48 -20.00
CA VAL D 195 4.82 5.08 -20.64
C VAL D 195 5.31 6.14 -21.61
N SER D 196 5.01 5.94 -22.90
CA SER D 196 5.40 6.89 -23.92
C SER D 196 4.15 7.51 -24.52
N LYS D 197 4.17 8.83 -24.65
CA LYS D 197 3.14 9.58 -25.37
C LYS D 197 2.94 8.93 -26.74
N ASN D 198 1.69 8.55 -27.03
CA ASN D 198 1.22 8.02 -28.29
C ASN D 198 1.71 6.59 -28.59
N VAL D 199 2.27 5.91 -27.58
CA VAL D 199 2.45 4.47 -27.66
C VAL D 199 1.44 3.87 -26.70
N SER D 200 0.41 3.22 -27.25
CA SER D 200 -0.76 2.84 -26.48
C SER D 200 -0.59 1.52 -25.71
N ASN D 201 0.37 0.66 -26.12
CA ASN D 201 0.54 -0.68 -25.56
C ASN D 201 2.01 -0.98 -25.29
N GLU D 202 2.28 -1.47 -24.06
CA GLU D 202 3.56 -1.95 -23.55
C GLU D 202 3.29 -3.16 -22.66
N THR D 203 4.13 -4.20 -22.78
CA THR D 203 3.97 -5.42 -21.98
C THR D 203 5.28 -5.77 -21.24
N ARG D 204 5.14 -6.34 -20.06
CA ARG D 204 6.26 -6.80 -19.28
C ARG D 204 5.82 -8.12 -18.64
N ASN D 205 6.72 -8.85 -17.94
CA ASN D 205 6.20 -9.96 -17.18
C ASN D 205 6.87 -10.08 -15.81
N PHE D 206 6.12 -10.60 -14.83
CA PHE D 206 6.68 -11.06 -13.57
C PHE D 206 7.28 -12.45 -13.75
N GLU D 207 8.57 -12.62 -13.37
CA GLU D 207 9.31 -13.85 -13.56
C GLU D 207 9.38 -14.67 -12.28
N LYS D 208 9.46 -16.00 -12.43
CA LYS D 208 9.73 -16.93 -11.33
C LYS D 208 8.63 -16.84 -10.28
N VAL D 209 7.37 -17.01 -10.72
CA VAL D 209 6.21 -16.84 -9.87
C VAL D 209 5.80 -18.24 -9.39
N ALA D 210 5.62 -18.42 -8.08
CA ALA D 210 5.46 -19.77 -7.55
C ALA D 210 4.07 -20.29 -7.91
N LYS D 211 3.98 -21.54 -8.38
CA LYS D 211 2.68 -22.17 -8.55
C LYS D 211 2.07 -22.52 -7.18
N GLY D 212 0.73 -22.69 -7.15
CA GLY D 212 0.06 -23.17 -5.95
C GLY D 212 -0.71 -22.06 -5.24
N TYR D 213 -0.66 -20.81 -5.74
CA TYR D 213 -1.28 -19.69 -5.07
C TYR D 213 -2.14 -18.91 -6.05
N GLN D 214 -3.09 -18.12 -5.55
CA GLN D 214 -3.80 -17.22 -6.43
C GLN D 214 -3.12 -15.86 -6.43
N TYR D 215 -3.25 -15.11 -7.52
CA TYR D 215 -2.45 -13.92 -7.73
C TYR D 215 -3.36 -12.79 -8.15
N ASP D 216 -2.89 -11.58 -7.88
CA ASP D 216 -3.71 -10.43 -8.16
C ASP D 216 -2.79 -9.27 -8.45
N LEU D 217 -3.31 -8.18 -9.04
CA LEU D 217 -2.44 -7.11 -9.47
C LEU D 217 -2.85 -5.79 -8.81
N ILE D 218 -1.85 -5.01 -8.41
CA ILE D 218 -2.04 -3.64 -7.96
C ILE D 218 -1.37 -2.74 -8.99
N ALA D 219 -2.08 -1.68 -9.35
CA ALA D 219 -1.72 -0.75 -10.40
C ALA D 219 -2.13 0.63 -9.93
N PRO D 220 -1.33 1.69 -10.18
CA PRO D 220 -1.61 2.97 -9.55
C PRO D 220 -2.81 3.68 -10.16
N ASP D 221 -3.46 4.50 -9.33
CA ASP D 221 -4.52 5.39 -9.79
C ASP D 221 -3.83 6.55 -10.48
N VAL D 222 -4.11 6.72 -11.77
CA VAL D 222 -3.50 7.84 -12.48
C VAL D 222 -4.53 8.95 -12.71
N PRO D 223 -4.30 10.18 -12.17
CA PRO D 223 -5.17 11.33 -12.39
C PRO D 223 -5.50 11.55 -13.85
N ALA D 224 -6.77 11.88 -14.13
CA ALA D 224 -7.30 12.10 -15.47
C ALA D 224 -7.73 10.80 -16.18
N PHE D 225 -7.56 9.64 -15.52
CA PHE D 225 -7.81 8.35 -16.17
C PHE D 225 -8.62 7.46 -15.25
N THR D 226 -9.50 6.62 -15.80
CA THR D 226 -10.09 5.52 -15.06
C THR D 226 -9.22 4.28 -15.33
N LYS D 227 -9.35 3.26 -14.46
CA LYS D 227 -8.45 2.11 -14.46
C LYS D 227 -9.26 0.82 -14.55
N GLU D 228 -8.91 -0.10 -15.46
CA GLU D 228 -9.55 -1.39 -15.39
C GLU D 228 -8.50 -2.50 -15.37
N ILE D 229 -8.52 -3.37 -14.34
CA ILE D 229 -7.60 -4.50 -14.27
C ILE D 229 -8.36 -5.81 -14.49
N LYS D 230 -7.92 -6.63 -15.46
CA LYS D 230 -8.55 -7.93 -15.59
C LYS D 230 -7.49 -9.01 -15.76
N ASN D 231 -7.83 -10.21 -15.26
CA ASN D 231 -7.06 -11.40 -15.55
C ASN D 231 -7.55 -12.01 -16.86
N VAL D 232 -6.79 -11.84 -17.94
CA VAL D 232 -7.11 -12.39 -19.25
C VAL D 232 -6.65 -13.85 -19.38
N GLY D 233 -5.94 -14.38 -18.38
CA GLY D 233 -5.56 -15.79 -18.35
C GLY D 233 -6.49 -16.58 -17.44
N THR D 234 -5.95 -17.55 -16.69
CA THR D 234 -6.72 -18.36 -15.75
C THR D 234 -6.16 -18.20 -14.35
N GLU D 235 -6.76 -18.88 -13.36
CA GLU D 235 -6.25 -18.83 -11.99
C GLU D 235 -4.83 -19.36 -11.95
N SER D 236 -4.61 -20.51 -12.59
CA SER D 236 -3.34 -21.17 -12.43
C SER D 236 -2.31 -20.64 -13.42
N ASN D 237 -2.76 -19.95 -14.48
CA ASN D 237 -1.86 -19.33 -15.44
C ASN D 237 -2.31 -17.90 -15.70
N PRO D 238 -2.12 -17.02 -14.69
CA PRO D 238 -2.70 -15.69 -14.73
C PRO D 238 -1.94 -14.85 -15.75
N SER D 239 -2.65 -13.91 -16.36
CA SER D 239 -2.12 -12.92 -17.28
C SER D 239 -2.99 -11.68 -17.17
N PHE D 240 -2.35 -10.51 -16.98
CA PHE D 240 -3.11 -9.34 -16.55
C PHE D 240 -3.04 -8.24 -17.59
N LYS D 241 -4.18 -7.57 -17.76
CA LYS D 241 -4.31 -6.36 -18.55
C LYS D 241 -4.86 -5.21 -17.70
N VAL D 242 -4.15 -4.07 -17.76
CA VAL D 242 -4.55 -2.82 -17.12
C VAL D 242 -4.89 -1.83 -18.23
N ILE D 243 -6.11 -1.30 -18.21
CA ILE D 243 -6.52 -0.30 -19.20
C ILE D 243 -6.77 1.01 -18.48
N TYR D 244 -6.06 2.08 -18.91
CA TYR D 244 -6.30 3.45 -18.49
C TYR D 244 -7.08 4.17 -19.59
N LYS D 245 -8.23 4.74 -19.23
CA LYS D 245 -9.09 5.42 -20.20
C LYS D 245 -9.30 6.88 -19.77
N GLN D 246 -8.86 7.83 -20.60
CA GLN D 246 -8.95 9.24 -20.21
C GLN D 246 -10.40 9.60 -19.96
N LEU D 247 -10.63 10.33 -18.85
CA LEU D 247 -11.96 10.85 -18.50
C LEU D 247 -12.34 12.08 -19.35
N PRO D 248 -13.64 12.32 -19.61
CA PRO D 248 -14.02 13.44 -20.47
C PRO D 248 -13.95 14.78 -19.73
N SER D 249 -13.93 15.85 -20.51
CA SER D 249 -13.82 17.20 -19.98
C SER D 249 -14.91 18.05 -20.63
N LEU D 250 -15.44 19.00 -19.84
CA LEU D 250 -16.47 19.91 -20.33
C LEU D 250 -15.91 21.34 -20.42
N THR D 251 -15.90 21.87 -21.64
CA THR D 251 -15.44 23.22 -21.92
C THR D 251 -16.66 24.13 -22.06
N ILE D 252 -16.64 25.24 -21.32
CA ILE D 252 -17.63 26.29 -21.45
C ILE D 252 -16.98 27.48 -22.15
N LYS D 253 -17.51 27.88 -23.30
CA LYS D 253 -16.91 28.99 -24.03
C LYS D 253 -17.93 30.11 -24.10
N LYS D 254 -17.44 31.37 -24.17
CA LYS D 254 -18.29 32.51 -24.45
C LYS D 254 -17.92 33.16 -25.78
N VAL D 255 -18.90 33.56 -26.59
CA VAL D 255 -18.65 34.31 -27.81
C VAL D 255 -19.37 35.66 -27.69
N LEU D 256 -18.72 36.76 -28.09
CA LEU D 256 -19.41 38.03 -28.20
C LEU D 256 -19.79 38.32 -29.67
N GLU D 257 -20.99 38.85 -29.95
CA GLU D 257 -21.30 39.31 -31.29
C GLU D 257 -21.83 40.73 -31.22
N ALA D 258 -21.51 41.52 -32.24
CA ALA D 258 -21.79 42.95 -32.35
C ALA D 258 -21.29 43.74 -31.14
N GLU D 259 -20.21 43.27 -30.51
CA GLU D 259 -19.72 43.82 -29.26
C GLU D 259 -18.27 44.29 -29.37
N ASN D 260 -18.03 45.61 -29.32
CA ASN D 260 -16.71 46.20 -29.51
C ASN D 260 -15.96 46.33 -28.18
N ASN D 261 -16.63 46.08 -27.05
CA ASN D 261 -16.00 46.10 -25.74
C ASN D 261 -15.65 44.67 -25.32
N LEU D 262 -14.35 44.31 -25.32
CA LEU D 262 -13.88 42.98 -24.96
C LEU D 262 -13.42 42.92 -23.50
N ASN D 263 -13.67 43.99 -22.77
CA ASN D 263 -13.25 44.01 -21.38
C ASN D 263 -14.35 43.57 -20.43
N LYS D 264 -15.47 43.01 -20.92
CA LYS D 264 -16.56 42.63 -20.01
C LYS D 264 -16.30 41.27 -19.40
N GLU D 265 -16.83 41.03 -18.17
CA GLU D 265 -16.78 39.70 -17.55
C GLU D 265 -18.18 39.09 -17.56
N PHE D 266 -18.32 37.77 -17.82
CA PHE D 266 -19.61 37.09 -17.71
C PHE D 266 -19.51 35.93 -16.72
N ARG D 267 -20.57 35.69 -15.94
CA ARG D 267 -20.58 34.53 -15.05
C ARG D 267 -21.56 33.52 -15.62
N ILE D 268 -21.12 32.27 -15.72
CA ILE D 268 -21.94 31.21 -16.32
C ILE D 268 -22.00 30.07 -15.33
N LYS D 269 -23.21 29.62 -14.97
CA LYS D 269 -23.39 28.53 -14.03
C LYS D 269 -23.50 27.23 -14.82
N VAL D 270 -23.03 26.13 -14.21
CA VAL D 270 -23.10 24.80 -14.79
C VAL D 270 -23.65 23.89 -13.72
N LYS D 271 -24.72 23.14 -14.07
CA LYS D 271 -25.31 22.21 -13.14
C LYS D 271 -24.90 20.79 -13.56
N LEU D 272 -24.34 20.02 -12.62
CA LEU D 272 -23.75 18.73 -12.92
C LEU D 272 -24.36 17.67 -12.04
N THR D 273 -25.01 16.69 -12.68
CA THR D 273 -25.71 15.66 -11.94
C THR D 273 -25.20 14.30 -12.41
N SER D 274 -25.22 13.32 -11.49
CA SER D 274 -24.70 11.99 -11.77
C SER D 274 -25.87 11.06 -12.10
N PRO D 275 -25.68 9.96 -12.87
CA PRO D 275 -26.79 9.00 -13.07
C PRO D 275 -27.38 8.48 -11.76
N ASP D 276 -26.53 8.18 -10.79
CA ASP D 276 -26.91 7.69 -9.46
C ASP D 276 -27.65 8.74 -8.64
N SER D 277 -27.52 10.01 -9.04
CA SER D 277 -28.03 11.19 -8.34
C SER D 277 -27.39 11.45 -6.98
N LYS D 278 -26.16 10.96 -6.77
CA LYS D 278 -25.40 11.28 -5.57
C LYS D 278 -24.66 12.61 -5.77
N PRO D 279 -24.78 13.58 -4.83
CA PRO D 279 -24.28 14.95 -5.00
C PRO D 279 -22.80 15.06 -5.38
N LEU D 280 -22.54 15.83 -6.44
CA LEU D 280 -21.20 15.86 -6.99
C LEU D 280 -20.38 17.01 -6.39
N ASN D 281 -19.27 16.65 -5.74
CA ASN D 281 -18.38 17.59 -5.08
C ASN D 281 -16.96 17.28 -5.58
N GLY D 282 -16.07 18.28 -5.56
CA GLY D 282 -14.71 18.06 -6.04
C GLY D 282 -14.16 19.22 -6.87
N THR D 283 -12.88 19.16 -7.18
CA THR D 283 -12.20 20.16 -7.98
C THR D 283 -11.86 19.51 -9.30
N PHE D 284 -12.23 20.17 -10.41
CA PHE D 284 -12.02 19.57 -11.72
C PHE D 284 -11.25 20.56 -12.58
N GLY D 285 -9.93 20.43 -12.61
CA GLY D 285 -9.12 21.48 -13.22
C GLY D 285 -9.05 22.69 -12.32
N GLU D 286 -9.51 23.83 -12.81
CA GLU D 286 -9.52 25.07 -12.03
C GLU D 286 -10.86 25.31 -11.33
N ILE D 287 -11.89 24.55 -11.71
CA ILE D 287 -13.27 24.83 -11.33
C ILE D 287 -13.63 23.90 -10.18
N THR D 288 -14.27 24.47 -9.16
CA THR D 288 -14.74 23.68 -8.02
C THR D 288 -16.24 23.43 -8.18
N VAL D 289 -16.69 22.20 -7.93
CA VAL D 289 -18.09 21.86 -7.95
C VAL D 289 -18.55 21.63 -6.50
N VAL D 290 -19.60 22.34 -6.09
CA VAL D 290 -20.20 22.09 -4.80
C VAL D 290 -21.66 21.72 -5.07
N ASN D 291 -22.01 20.48 -4.75
CA ASN D 291 -23.36 19.93 -4.91
C ASN D 291 -23.87 20.22 -6.31
N GLY D 292 -23.03 19.88 -7.29
CA GLY D 292 -23.44 19.93 -8.68
C GLY D 292 -23.41 21.35 -9.25
N GLU D 293 -23.07 22.36 -8.44
CA GLU D 293 -23.09 23.72 -8.92
C GLU D 293 -21.65 24.18 -9.16
N ALA D 294 -21.37 24.75 -10.34
CA ALA D 294 -20.09 25.38 -10.62
C ALA D 294 -20.34 26.73 -11.27
N GLU D 295 -19.59 27.76 -10.89
CA GLU D 295 -19.61 29.04 -11.59
C GLU D 295 -18.30 29.20 -12.40
N ILE D 296 -18.39 29.66 -13.64
CA ILE D 296 -17.21 30.00 -14.41
C ILE D 296 -17.31 31.49 -14.73
N ARG D 297 -16.31 32.26 -14.33
CA ARG D 297 -16.21 33.66 -14.71
C ARG D 297 -15.35 33.67 -15.97
N VAL D 298 -15.83 34.28 -17.05
CA VAL D 298 -15.07 34.31 -18.30
C VAL D 298 -14.68 35.76 -18.58
N GLU D 299 -13.57 35.96 -19.29
CA GLU D 299 -13.06 37.25 -19.73
C GLU D 299 -11.98 36.99 -20.77
N LYS D 300 -11.52 38.04 -21.45
CA LYS D 300 -10.49 37.91 -22.48
C LYS D 300 -9.22 37.26 -21.94
N ARG D 301 -8.79 37.66 -20.74
CA ARG D 301 -7.57 37.10 -20.15
C ARG D 301 -7.67 35.59 -19.89
N LYS D 302 -8.88 35.02 -19.73
CA LYS D 302 -9.03 33.58 -19.55
C LYS D 302 -9.44 32.89 -20.87
N ARG D 303 -9.20 33.61 -21.96
CA ARG D 303 -9.50 33.17 -23.31
C ARG D 303 -10.99 32.83 -23.45
N TRP D 304 -11.85 33.53 -22.69
CA TRP D 304 -13.30 33.38 -22.77
C TRP D 304 -13.76 31.95 -22.61
N ARG D 305 -13.12 31.18 -21.72
CA ARG D 305 -13.52 29.81 -21.50
C ARG D 305 -13.12 29.38 -20.08
N GLY D 306 -13.73 28.30 -19.60
CA GLY D 306 -13.21 27.57 -18.47
C GLY D 306 -13.46 26.10 -18.73
N ILE D 307 -12.71 25.23 -18.06
CA ILE D 307 -12.76 23.82 -18.39
C ILE D 307 -12.94 23.03 -17.10
N LEU D 308 -14.00 22.21 -17.05
CA LEU D 308 -14.09 21.21 -16.01
C LEU D 308 -13.43 19.93 -16.51
N SER D 309 -12.21 19.68 -16.02
CA SER D 309 -11.40 18.60 -16.55
C SER D 309 -11.76 17.30 -15.87
N TYR D 310 -12.03 16.26 -16.66
CA TYR D 310 -11.98 14.89 -16.18
C TYR D 310 -13.06 14.62 -15.15
N LEU D 311 -14.32 14.96 -15.50
CA LEU D 311 -15.50 14.68 -14.70
C LEU D 311 -15.85 13.21 -14.85
N PRO D 312 -16.62 12.60 -13.92
CA PRO D 312 -17.07 11.22 -14.06
C PRO D 312 -17.75 10.99 -15.41
N ARG D 313 -17.54 9.81 -15.99
CA ARG D 313 -18.14 9.44 -17.26
C ARG D 313 -19.66 9.41 -17.08
N GLY D 314 -20.37 9.92 -18.08
CA GLY D 314 -21.83 9.99 -18.05
C GLY D 314 -22.41 11.14 -17.23
N THR D 315 -21.60 12.12 -16.84
CA THR D 315 -22.14 13.19 -16.01
C THR D 315 -23.10 14.04 -16.84
N HIS D 316 -24.20 14.46 -16.22
CA HIS D 316 -25.17 15.29 -16.92
C HIS D 316 -24.87 16.76 -16.63
N TYR D 317 -24.76 17.56 -17.70
CA TYR D 317 -24.52 18.98 -17.59
C TYR D 317 -25.65 19.81 -18.17
N LYS D 318 -25.92 20.96 -17.51
CA LYS D 318 -26.81 21.99 -17.99
C LYS D 318 -26.17 23.33 -17.69
N VAL D 319 -25.89 24.08 -18.77
CA VAL D 319 -25.23 25.36 -18.70
C VAL D 319 -26.27 26.47 -18.77
N GLU D 320 -26.08 27.52 -17.97
CA GLU D 320 -26.88 28.72 -18.16
C GLU D 320 -26.13 29.93 -17.63
N GLU D 321 -26.17 31.03 -18.39
CA GLU D 321 -25.54 32.24 -17.96
C GLU D 321 -26.39 32.85 -16.84
N GLU D 322 -25.71 33.41 -15.83
CA GLU D 322 -26.41 34.05 -14.74
C GLU D 322 -27.12 35.27 -15.28
N ALA D 323 -28.35 35.45 -14.83
CA ALA D 323 -29.22 36.52 -15.32
C ALA D 323 -28.50 37.87 -15.31
N ALA D 324 -27.79 38.19 -14.22
CA ALA D 324 -27.17 39.49 -14.07
C ALA D 324 -26.19 39.76 -15.23
N SER D 325 -25.52 38.72 -15.74
CA SER D 325 -24.62 38.83 -16.87
C SER D 325 -25.36 38.92 -18.22
N THR D 326 -26.71 38.85 -18.25
CA THR D 326 -27.36 38.76 -19.56
C THR D 326 -27.80 40.16 -20.02
N ASN D 327 -27.76 41.14 -19.12
CA ASN D 327 -28.32 42.45 -19.41
C ASN D 327 -27.61 43.11 -20.58
N GLY D 328 -28.40 43.50 -21.60
CA GLY D 328 -27.91 44.20 -22.77
C GLY D 328 -27.56 43.25 -23.92
N TYR D 329 -27.90 41.95 -23.79
CA TYR D 329 -27.52 40.94 -24.77
C TYR D 329 -28.72 40.06 -25.10
N HIS D 330 -28.80 39.61 -26.36
CA HIS D 330 -29.63 38.47 -26.69
C HIS D 330 -28.74 37.23 -26.56
N VAL D 331 -29.06 36.34 -25.61
CA VAL D 331 -28.19 35.24 -25.24
C VAL D 331 -28.73 33.95 -25.82
N THR D 332 -27.92 33.20 -26.56
CA THR D 332 -28.32 31.91 -27.10
C THR D 332 -27.23 30.89 -26.78
N TYR D 333 -27.53 29.60 -27.00
CA TYR D 333 -26.75 28.52 -26.44
C TYR D 333 -26.52 27.46 -27.50
N GLU D 334 -25.33 26.91 -27.56
CA GLU D 334 -25.11 25.70 -28.33
C GLU D 334 -24.57 24.63 -27.40
N ASN D 335 -25.17 23.45 -27.49
CA ASN D 335 -24.78 22.33 -26.68
C ASN D 335 -25.04 22.66 -25.22
N GLN D 336 -26.16 23.33 -24.94
CA GLN D 336 -26.52 23.74 -23.60
C GLN D 336 -26.68 22.59 -22.59
N GLU D 337 -27.13 21.43 -23.06
CA GLU D 337 -27.42 20.33 -22.17
C GLU D 337 -27.06 18.99 -22.81
N GLY D 338 -26.52 18.08 -21.99
CA GLY D 338 -26.18 16.76 -22.48
C GLY D 338 -25.58 15.84 -21.42
N ASP D 339 -25.05 14.71 -21.88
CA ASP D 339 -24.34 13.74 -21.06
C ASP D 339 -22.91 13.59 -21.55
N LEU D 340 -21.99 13.59 -20.60
CA LEU D 340 -20.58 13.73 -20.88
C LEU D 340 -19.94 12.35 -21.04
N ASN D 341 -19.94 11.86 -22.28
CA ASN D 341 -19.36 10.57 -22.63
C ASN D 341 -18.17 10.74 -23.57
N LYS D 342 -17.98 11.97 -24.06
CA LYS D 342 -16.76 12.38 -24.72
C LYS D 342 -16.51 13.84 -24.35
N ASP D 343 -15.42 14.41 -24.86
CA ASP D 343 -15.17 15.81 -24.57
C ASP D 343 -16.24 16.65 -25.24
N GLU D 344 -16.69 17.69 -24.52
CA GLU D 344 -17.81 18.50 -24.93
C GLU D 344 -17.45 19.96 -24.73
N THR D 345 -17.88 20.77 -25.70
CA THR D 345 -17.81 22.21 -25.56
C THR D 345 -19.24 22.73 -25.55
N SER D 346 -19.50 23.67 -24.66
CA SER D 346 -20.82 24.27 -24.58
C SER D 346 -20.65 25.78 -24.77
N THR D 347 -21.28 26.34 -25.78
CA THR D 347 -20.96 27.71 -26.13
C THR D 347 -22.12 28.65 -25.79
N VAL D 348 -21.81 29.75 -25.08
CA VAL D 348 -22.78 30.78 -24.72
C VAL D 348 -22.50 31.98 -25.60
N THR D 349 -23.49 32.38 -26.41
CA THR D 349 -23.30 33.54 -27.26
C THR D 349 -24.06 34.72 -26.68
N ASN D 350 -23.35 35.79 -26.39
CA ASN D 350 -23.94 37.07 -25.99
C ASN D 350 -23.88 38.04 -27.18
N HIS D 351 -25.02 38.24 -27.82
CA HIS D 351 -25.15 39.09 -28.97
C HIS D 351 -25.71 40.45 -28.49
N LYS D 352 -24.92 41.50 -28.63
CA LYS D 352 -25.34 42.78 -28.11
C LYS D 352 -26.62 43.26 -28.74
N LEU D 353 -27.56 43.68 -27.88
CA LEU D 353 -28.85 44.18 -28.30
C LEU D 353 -28.69 45.45 -29.13
N PRO D 354 -29.47 45.62 -30.23
CA PRO D 354 -29.35 46.81 -31.08
C PRO D 354 -29.92 48.06 -30.45
N SER D 355 -29.52 49.20 -30.98
CA SER D 355 -30.05 50.49 -30.60
C SER D 355 -30.62 51.15 -31.84
N LEU D 356 -31.58 52.05 -31.62
CA LEU D 356 -32.17 52.88 -32.66
C LEU D 356 -31.90 54.36 -32.33
N SER D 357 -31.39 55.08 -33.32
CA SER D 357 -31.14 56.51 -33.25
C SER D 357 -32.09 57.26 -34.19
N VAL D 358 -32.54 58.44 -33.75
CA VAL D 358 -33.37 59.31 -34.57
C VAL D 358 -32.82 60.73 -34.40
N THR D 359 -32.74 61.45 -35.54
CA THR D 359 -32.16 62.78 -35.60
C THR D 359 -33.13 63.69 -36.35
N LYS D 360 -33.28 64.93 -35.87
CA LYS D 360 -34.05 65.96 -36.55
C LYS D 360 -33.12 66.97 -37.20
N LYS D 361 -33.27 67.12 -38.53
CA LYS D 361 -32.56 68.10 -39.33
C LYS D 361 -33.57 69.11 -39.89
N VAL D 362 -33.17 70.39 -39.94
CA VAL D 362 -33.96 71.43 -40.61
C VAL D 362 -33.10 72.15 -41.65
N SER D 372 -39.71 72.52 -31.30
CA SER D 372 -40.01 71.14 -30.81
C SER D 372 -40.84 70.41 -31.85
N PHE D 373 -40.52 69.12 -32.09
CA PHE D 373 -41.13 68.30 -33.14
C PHE D 373 -41.39 66.91 -32.58
N LYS D 374 -42.66 66.49 -32.55
CA LYS D 374 -43.06 65.22 -31.96
C LYS D 374 -43.02 64.12 -33.02
N ILE D 375 -42.37 63.02 -32.67
CA ILE D 375 -42.19 61.85 -33.52
C ILE D 375 -42.60 60.60 -32.75
N THR D 376 -43.34 59.73 -33.44
CA THR D 376 -43.85 58.51 -32.85
C THR D 376 -43.09 57.35 -33.47
N ILE D 377 -42.55 56.50 -32.60
CA ILE D 377 -41.81 55.31 -32.96
C ILE D 377 -42.71 54.13 -32.68
N ASN D 378 -42.81 53.22 -33.65
CA ASN D 378 -43.53 51.96 -33.49
C ASN D 378 -42.55 50.80 -33.63
N ILE D 379 -42.57 49.88 -32.66
CA ILE D 379 -41.68 48.73 -32.71
C ILE D 379 -42.50 47.49 -32.39
N ARG D 380 -42.30 46.45 -33.20
CA ARG D 380 -42.79 45.11 -32.92
C ARG D 380 -41.57 44.24 -32.71
N ASP D 381 -41.67 43.24 -31.83
CA ASP D 381 -40.51 42.41 -31.56
C ASP D 381 -40.28 41.37 -32.65
N ALA D 382 -39.29 40.49 -32.43
CA ALA D 382 -38.89 39.48 -33.39
C ALA D 382 -40.05 38.52 -33.70
N GLN D 383 -40.90 38.22 -32.71
CA GLN D 383 -42.09 37.38 -32.92
C GLN D 383 -43.25 38.24 -33.42
N ASN D 384 -42.98 39.50 -33.75
CA ASN D 384 -43.90 40.36 -34.48
C ASN D 384 -45.02 40.91 -33.61
N SER D 385 -44.81 40.99 -32.28
CA SER D 385 -45.82 41.50 -31.37
C SER D 385 -45.38 42.84 -30.74
N PRO D 386 -46.32 43.78 -30.49
CA PRO D 386 -45.93 45.15 -30.16
C PRO D 386 -45.19 45.21 -28.83
N LEU D 387 -44.20 46.10 -28.78
CA LEU D 387 -43.24 46.24 -27.70
C LEU D 387 -43.93 46.89 -26.50
N ASN D 388 -43.68 46.34 -25.31
CA ASN D 388 -44.04 46.99 -24.05
C ASN D 388 -42.83 47.04 -23.14
N GLY D 389 -42.52 48.21 -22.59
CA GLY D 389 -41.39 48.31 -21.69
C GLY D 389 -40.74 49.66 -21.82
N THR D 390 -39.82 49.95 -20.89
CA THR D 390 -39.06 51.18 -20.84
C THR D 390 -37.61 50.88 -21.23
N TYR D 391 -37.01 51.73 -22.07
CA TYR D 391 -35.63 51.55 -22.49
C TYR D 391 -34.87 52.85 -22.23
N THR D 392 -33.56 52.77 -21.93
CA THR D 392 -32.73 53.96 -21.74
C THR D 392 -32.53 54.65 -23.08
N ALA D 393 -32.70 55.98 -23.09
CA ALA D 393 -32.48 56.78 -24.28
C ALA D 393 -31.56 57.93 -23.92
N THR D 394 -30.74 58.36 -24.88
CA THR D 394 -29.79 59.43 -24.64
C THR D 394 -30.05 60.56 -25.63
N VAL D 395 -30.15 61.78 -25.09
CA VAL D 395 -30.19 63.02 -25.86
C VAL D 395 -29.08 63.95 -25.37
N ASN D 396 -28.02 64.01 -26.19
CA ASN D 396 -26.74 64.66 -25.92
C ASN D 396 -26.34 64.45 -24.46
N ASN D 397 -26.07 63.19 -24.11
CA ASN D 397 -25.55 62.79 -22.82
C ASN D 397 -26.51 62.96 -21.65
N LYS D 398 -27.80 63.22 -21.93
CA LYS D 398 -28.84 63.11 -20.92
C LYS D 398 -29.54 61.77 -21.07
N ARG D 399 -29.40 60.90 -20.08
CA ARG D 399 -30.06 59.60 -20.11
C ARG D 399 -31.47 59.73 -19.52
N THR D 400 -32.50 59.75 -20.38
CA THR D 400 -33.90 59.73 -19.97
C THR D 400 -34.54 58.40 -20.41
N PRO D 401 -35.31 57.72 -19.51
CA PRO D 401 -36.06 56.53 -19.91
C PRO D 401 -37.14 56.88 -20.93
N LEU D 402 -37.45 55.95 -21.84
CA LEU D 402 -38.50 56.10 -22.85
C LEU D 402 -39.38 54.84 -22.80
N GLN D 403 -40.70 55.03 -22.71
CA GLN D 403 -41.59 53.90 -22.49
C GLN D 403 -42.39 53.61 -23.75
N PHE D 404 -42.47 52.32 -24.10
CA PHE D 404 -43.29 51.87 -25.22
C PHE D 404 -44.53 51.25 -24.62
N THR D 405 -45.71 51.81 -24.99
CA THR D 405 -46.98 51.15 -24.70
C THR D 405 -47.55 50.57 -25.98
N ASN D 406 -47.71 49.25 -25.96
CA ASN D 406 -48.36 48.57 -27.05
C ASN D 406 -47.66 48.94 -28.34
N GLY D 407 -46.35 49.02 -28.37
CA GLY D 407 -45.66 49.23 -29.63
C GLY D 407 -45.32 50.69 -29.91
N ARG D 408 -45.93 51.64 -29.20
CA ARG D 408 -45.74 53.04 -29.55
C ARG D 408 -44.96 53.77 -28.47
N ALA D 409 -44.02 54.62 -28.90
CA ALA D 409 -43.49 55.66 -28.03
C ALA D 409 -43.44 56.98 -28.80
N SER D 410 -43.36 58.09 -28.04
CA SER D 410 -43.30 59.45 -28.57
C SER D 410 -42.01 60.12 -28.10
N ILE D 411 -41.36 60.83 -29.02
CA ILE D 411 -40.16 61.60 -28.69
C ILE D 411 -40.35 63.01 -29.23
N ASP D 412 -39.70 63.98 -28.56
CA ASP D 412 -39.74 65.38 -28.97
C ASP D 412 -38.32 65.89 -29.22
N LEU D 413 -38.03 66.20 -30.49
CA LEU D 413 -36.69 66.56 -30.95
C LEU D 413 -36.64 68.01 -31.43
N ASN D 414 -35.50 68.65 -31.13
CA ASN D 414 -35.18 69.98 -31.65
C ASN D 414 -34.30 69.89 -32.90
N LYS D 415 -33.45 70.91 -33.06
CA LYS D 415 -32.55 71.11 -34.18
C LYS D 415 -31.27 70.34 -33.88
N ASP D 416 -30.88 69.51 -34.86
CA ASP D 416 -29.63 68.77 -34.90
C ASP D 416 -29.49 67.90 -33.65
N GLN D 417 -30.62 67.57 -33.03
CA GLN D 417 -30.62 66.73 -31.85
C GLN D 417 -30.78 65.29 -32.29
N THR D 418 -30.14 64.41 -31.51
CA THR D 418 -30.16 62.97 -31.73
C THR D 418 -30.64 62.29 -30.46
N ILE D 419 -31.52 61.29 -30.59
CA ILE D 419 -31.81 60.40 -29.47
C ILE D 419 -31.36 59.00 -29.81
N LYS D 420 -30.77 58.32 -28.84
CA LYS D 420 -30.30 56.96 -29.04
C LYS D 420 -30.93 56.03 -28.01
N ILE D 421 -31.71 55.04 -28.51
CA ILE D 421 -32.49 54.14 -27.68
C ILE D 421 -31.81 52.78 -27.63
N ASP D 422 -31.37 52.38 -26.42
CA ASP D 422 -30.51 51.23 -26.18
C ASP D 422 -31.27 49.99 -25.73
N GLY D 423 -30.72 48.80 -26.03
CA GLY D 423 -31.17 47.54 -25.47
C GLY D 423 -32.52 47.05 -26.02
N LEU D 424 -32.88 47.45 -27.26
CA LEU D 424 -34.11 46.99 -27.86
C LEU D 424 -33.92 45.57 -28.35
N PRO D 425 -34.99 44.75 -28.52
CA PRO D 425 -34.85 43.31 -28.79
C PRO D 425 -34.21 43.07 -30.16
N LEU D 426 -33.36 42.04 -30.25
CA LEU D 426 -32.72 41.73 -31.53
C LEU D 426 -33.76 41.30 -32.57
N ASP D 427 -33.62 41.82 -33.80
CA ASP D 427 -34.41 41.45 -34.97
C ASP D 427 -35.84 42.00 -34.95
N SER D 428 -36.10 43.04 -34.14
CA SER D 428 -37.44 43.64 -34.14
C SER D 428 -37.57 44.63 -35.28
N HIS D 429 -38.79 45.15 -35.51
CA HIS D 429 -39.09 45.99 -36.67
C HIS D 429 -39.60 47.36 -36.21
N TYR D 430 -38.96 48.43 -36.70
CA TYR D 430 -39.38 49.77 -36.33
C TYR D 430 -39.92 50.49 -37.57
N THR D 431 -40.85 51.42 -37.33
CA THR D 431 -41.25 52.46 -38.27
C THR D 431 -41.29 53.76 -37.47
N VAL D 432 -40.89 54.89 -38.07
CA VAL D 432 -41.00 56.18 -37.42
C VAL D 432 -41.90 57.08 -38.27
N GLU D 433 -42.57 58.04 -37.61
CA GLU D 433 -43.50 58.98 -38.24
C GLU D 433 -43.70 60.21 -37.36
N GLU D 434 -43.48 61.40 -37.92
CA GLU D 434 -43.79 62.63 -37.24
C GLU D 434 -45.30 62.74 -37.07
N GLU D 435 -45.76 63.24 -35.93
CA GLU D 435 -47.18 63.50 -35.72
C GLU D 435 -47.55 64.70 -36.59
N THR D 436 -48.73 64.63 -37.25
CA THR D 436 -49.01 65.54 -38.37
C THR D 436 -49.17 66.99 -37.93
N ASN D 437 -49.39 67.27 -36.62
CA ASN D 437 -49.40 68.63 -36.08
C ASN D 437 -48.04 69.30 -36.16
N SER D 438 -47.01 68.58 -35.67
CA SER D 438 -45.64 69.04 -35.69
C SER D 438 -45.16 69.30 -37.11
N SER D 439 -45.79 68.63 -38.09
CA SER D 439 -45.40 68.69 -39.49
C SER D 439 -45.99 69.88 -40.26
N ARG D 440 -46.82 70.70 -39.59
CA ARG D 440 -47.60 71.76 -40.22
C ARG D 440 -46.68 72.78 -40.88
N GLY D 441 -46.75 72.86 -42.23
CA GLY D 441 -46.04 73.84 -43.03
C GLY D 441 -44.56 73.52 -43.20
N TYR D 442 -44.22 72.22 -43.18
CA TYR D 442 -42.87 71.73 -43.45
C TYR D 442 -42.98 70.54 -44.40
N GLN D 443 -42.05 70.47 -45.36
CA GLN D 443 -41.94 69.28 -46.19
C GLN D 443 -41.04 68.25 -45.48
N VAL D 444 -41.65 67.14 -45.04
CA VAL D 444 -41.03 66.10 -44.23
C VAL D 444 -40.58 64.97 -45.14
N SER D 445 -39.30 64.60 -44.99
CA SER D 445 -38.84 63.32 -45.48
C SER D 445 -37.98 62.60 -44.43
N TYR D 446 -37.79 61.29 -44.69
CA TYR D 446 -37.26 60.36 -43.72
C TYR D 446 -36.13 59.56 -44.35
N GLU D 447 -34.97 59.48 -43.68
CA GLU D 447 -33.99 58.49 -44.07
C GLU D 447 -34.15 57.25 -43.19
N ASN D 448 -34.35 56.08 -43.82
CA ASN D 448 -34.50 54.81 -43.13
C ASN D 448 -35.62 54.90 -42.09
N GLN D 449 -36.83 55.21 -42.54
CA GLN D 449 -37.97 55.39 -41.66
C GLN D 449 -38.57 54.04 -41.25
N GLU D 450 -38.35 52.99 -42.04
CA GLU D 450 -38.77 51.63 -41.68
C GLU D 450 -37.48 50.81 -41.60
N GLY D 451 -37.50 49.67 -40.89
CA GLY D 451 -36.31 48.82 -40.89
C GLY D 451 -36.30 47.70 -39.85
N LYS D 452 -35.28 46.82 -39.91
CA LYS D 452 -35.11 45.70 -38.99
C LYS D 452 -33.87 45.93 -38.10
N LEU D 453 -34.05 45.70 -36.80
CA LEU D 453 -32.99 45.95 -35.84
C LEU D 453 -32.15 44.68 -35.65
N ASP D 454 -31.27 44.39 -36.62
CA ASP D 454 -30.28 43.34 -36.50
C ASP D 454 -28.95 43.92 -36.02
N GLY D 455 -28.83 45.24 -36.07
CA GLY D 455 -27.72 45.99 -35.56
C GLY D 455 -28.21 47.41 -35.33
N ASP D 456 -27.31 48.34 -35.05
CA ASP D 456 -27.68 49.70 -34.75
C ASP D 456 -28.17 50.44 -35.99
N LYS D 457 -29.39 50.99 -35.94
CA LYS D 457 -29.97 51.61 -37.12
C LYS D 457 -30.16 53.10 -36.84
N SER D 458 -30.17 53.91 -37.91
CA SER D 458 -30.46 55.32 -37.80
C SER D 458 -31.63 55.71 -38.66
N ALA D 459 -32.42 56.64 -38.12
CA ALA D 459 -33.47 57.28 -38.85
C ALA D 459 -33.30 58.79 -38.73
N THR D 460 -33.57 59.49 -39.83
CA THR D 460 -33.52 60.94 -39.88
C THR D 460 -34.87 61.48 -40.32
N VAL D 461 -35.33 62.50 -39.61
CA VAL D 461 -36.48 63.28 -40.04
C VAL D 461 -35.97 64.65 -40.47
N THR D 462 -36.24 65.02 -41.73
CA THR D 462 -35.81 66.30 -42.27
C THR D 462 -37.04 67.16 -42.58
N ASN D 463 -37.00 68.40 -42.07
CA ASN D 463 -37.99 69.46 -42.27
C ASN D 463 -37.32 70.67 -42.96
N ASN D 464 -38.08 71.70 -43.39
CA ASN D 464 -37.49 72.98 -43.76
C ASN D 464 -38.54 74.10 -43.98
#